data_8SYC
#
_entry.id   8SYC
#
_cell.length_a   78.586
_cell.length_b   78.586
_cell.length_c   166.339
_cell.angle_alpha   90.00
_cell.angle_beta   90.00
_cell.angle_gamma   90.00
#
_symmetry.space_group_name_H-M   'P 41'
#
loop_
_entity.id
_entity.type
_entity.pdbx_description
1 polymer "cGMP-inhibited 3',5'-cyclic phosphodiesterase 3B"
2 non-polymer 'MAGNESIUM ION'
3 non-polymer [3-[(4,7-dimethoxyquinolin-2-yl)carbonylamino]-5-[methyl-(phenylmethyl)carbamoyl]phenyl]-oxidanyl-oxidanylidene-boron
4 water water
#
_entity_poly.entity_id   1
_entity_poly.type   'polypeptide(L)'
_entity_poly.pdbx_seq_one_letter_code
;MEQEVSLDLILVEEYDSLIEKMSNWNFPIFELVEKMGEDSGRILSQVMYTLFQDTGLLEIFKIPTQQFMNYFRALENGYR
DIPYHNRIHATDVLHAVWYLTTRPVPGLQQIHNGCGTGNETDSDGRINHGDIAYISSKSCSNPDESYGCLSSNIPALELM
ALYVAAAMHDYDHPGRTNEFLVATNAPQAVLYNDRSVLENHHAASAWNLYLSRPEYNFLLHLDHVEFERFRFLVIEAILA
TDLKKHFDFLAEFNAKANDVNSNGIEWSNENDRLLVCQVCIKLADINGPAKVRDLHLKWTEGIVNEFYEQGDEEANLGLP
ISPFMDRSDPQLAKLQESFITHIVGPLCNSYDAAGLLPGQWLEAEEDNDTESGDDEDGEELDTEDEEMENNLNPKPPRRK
SRRRIFCQLMHHLTENHKIWKENLYFQGDYKDDDDKGHHHHHH
;
_entity_poly.pdbx_strand_id   A,D
#
# COMPACT_ATOMS: atom_id res chain seq x y z
N GLU A 14 11.72 -31.87 27.04
CA GLU A 14 12.35 -30.92 26.07
C GLU A 14 12.04 -29.47 26.51
N TYR A 15 10.79 -29.20 26.91
CA TYR A 15 10.23 -27.85 27.14
C TYR A 15 11.17 -27.01 28.00
N ASP A 16 11.51 -27.47 29.21
CA ASP A 16 12.27 -26.67 30.21
C ASP A 16 13.70 -26.42 29.71
N SER A 17 14.28 -27.42 29.03
CA SER A 17 15.62 -27.36 28.41
C SER A 17 15.69 -26.14 27.50
N LEU A 18 14.78 -26.08 26.52
CA LEU A 18 14.72 -25.07 25.43
C LEU A 18 14.44 -23.68 26.01
N ILE A 19 13.35 -23.53 26.76
CA ILE A 19 12.91 -22.22 27.32
C ILE A 19 14.08 -21.60 28.09
N GLU A 20 14.90 -22.41 28.78
CA GLU A 20 16.09 -21.91 29.52
C GLU A 20 17.11 -21.36 28.51
N LYS A 21 17.37 -22.10 27.42
CA LYS A 21 18.36 -21.72 26.37
C LYS A 21 17.93 -20.40 25.72
N MET A 22 16.63 -20.24 25.46
CA MET A 22 16.05 -19.08 24.73
C MET A 22 15.95 -17.86 25.64
N SER A 23 16.09 -17.99 26.96
CA SER A 23 16.08 -16.87 27.93
C SER A 23 17.36 -16.04 27.79
N ASN A 24 18.37 -16.61 27.15
CA ASN A 24 19.61 -15.92 26.68
C ASN A 24 19.25 -15.10 25.44
N TRP A 25 19.49 -13.78 25.44
CA TRP A 25 19.35 -12.91 24.25
C TRP A 25 20.08 -13.54 23.05
N ASN A 26 21.29 -14.07 23.27
CA ASN A 26 22.13 -14.69 22.23
C ASN A 26 21.83 -16.18 22.17
N PHE A 27 20.56 -16.53 22.12
CA PHE A 27 20.08 -17.92 22.00
C PHE A 27 20.86 -18.58 20.86
N PRO A 28 21.70 -19.61 21.15
CA PRO A 28 22.49 -20.31 20.14
C PRO A 28 21.63 -21.28 19.31
N ILE A 29 20.97 -20.71 18.31
CA ILE A 29 19.90 -21.37 17.51
C ILE A 29 20.52 -22.44 16.62
N PHE A 30 21.71 -22.19 16.07
CA PHE A 30 22.32 -23.10 15.06
C PHE A 30 22.66 -24.43 15.74
N GLU A 31 22.93 -24.38 17.06
CA GLU A 31 23.10 -25.60 17.89
C GLU A 31 21.77 -26.36 17.91
N LEU A 32 20.66 -25.68 18.23
CA LEU A 32 19.30 -26.29 18.23
C LEU A 32 18.97 -26.89 16.86
N VAL A 33 19.28 -26.20 15.77
CA VAL A 33 19.03 -26.74 14.40
C VAL A 33 19.81 -28.05 14.23
N GLU A 34 21.07 -28.05 14.68
CA GLU A 34 22.00 -29.23 14.62
C GLU A 34 21.52 -30.32 15.58
N LYS A 35 21.14 -29.94 16.80
CA LYS A 35 20.62 -30.86 17.87
C LYS A 35 19.35 -31.54 17.37
N MET A 36 18.46 -30.84 16.66
CA MET A 36 17.24 -31.43 16.05
C MET A 36 17.61 -32.32 14.85
N GLY A 37 18.77 -32.11 14.24
CA GLY A 37 19.22 -32.82 13.02
C GLY A 37 18.06 -33.10 12.09
N GLU A 38 17.63 -34.35 11.97
CA GLU A 38 16.64 -34.81 10.95
C GLU A 38 15.30 -34.09 11.14
N ASP A 39 14.96 -33.68 12.37
CA ASP A 39 13.71 -32.95 12.68
C ASP A 39 13.96 -31.45 12.84
N SER A 40 14.95 -30.90 12.15
CA SER A 40 15.28 -29.45 12.18
C SER A 40 14.24 -28.66 11.38
N GLY A 41 13.53 -29.32 10.45
CA GLY A 41 12.43 -28.71 9.66
C GLY A 41 11.28 -28.25 10.54
N ARG A 42 11.19 -28.72 11.78
CA ARG A 42 10.04 -28.44 12.67
C ARG A 42 10.43 -27.38 13.70
N ILE A 43 11.54 -26.67 13.50
CA ILE A 43 12.10 -25.79 14.58
C ILE A 43 11.11 -24.66 14.90
N LEU A 44 10.54 -24.04 13.87
CA LEU A 44 9.65 -22.85 14.02
C LEU A 44 8.37 -23.26 14.77
N SER A 45 7.75 -24.39 14.38
CA SER A 45 6.50 -24.91 15.01
C SER A 45 6.75 -25.20 16.49
N GLN A 46 7.88 -25.83 16.83
CA GLN A 46 8.21 -26.23 18.23
C GLN A 46 8.45 -24.97 19.06
N VAL A 47 9.25 -24.03 18.55
CA VAL A 47 9.54 -22.74 19.26
C VAL A 47 8.23 -21.95 19.43
N MET A 48 7.39 -21.89 18.39
CA MET A 48 6.09 -21.18 18.45
C MET A 48 5.29 -21.72 19.63
N TYR A 49 5.18 -23.05 19.72
CA TYR A 49 4.44 -23.78 20.79
C TYR A 49 5.00 -23.38 22.15
N THR A 50 6.32 -23.57 22.30
CA THR A 50 7.08 -23.29 23.53
C THR A 50 6.76 -21.88 24.05
N LEU A 51 6.74 -20.88 23.17
CA LEU A 51 6.70 -19.45 23.59
C LEU A 51 5.28 -19.04 23.96
N PHE A 52 4.28 -19.62 23.30
CA PHE A 52 2.84 -19.38 23.61
C PHE A 52 2.52 -20.00 24.97
N GLN A 53 3.13 -21.15 25.26
CA GLN A 53 3.04 -21.83 26.58
C GLN A 53 3.67 -20.90 27.63
N ASP A 54 4.90 -20.46 27.39
CA ASP A 54 5.66 -19.56 28.30
C ASP A 54 4.88 -18.26 28.62
N THR A 55 4.24 -17.67 27.62
CA THR A 55 3.49 -16.41 27.74
C THR A 55 2.08 -16.68 28.25
N GLY A 56 1.62 -17.93 28.11
CA GLY A 56 0.28 -18.38 28.54
C GLY A 56 -0.78 -18.04 27.50
N LEU A 57 -0.38 -17.68 26.28
CA LEU A 57 -1.30 -17.26 25.19
C LEU A 57 -2.25 -18.42 24.83
N LEU A 58 -1.82 -19.66 25.04
CA LEU A 58 -2.67 -20.86 24.82
C LEU A 58 -3.91 -20.77 25.74
N GLU A 59 -3.72 -20.52 27.03
CA GLU A 59 -4.86 -20.49 27.98
C GLU A 59 -5.71 -19.24 27.74
N ILE A 60 -5.09 -18.10 27.45
CA ILE A 60 -5.77 -16.76 27.43
C ILE A 60 -6.77 -16.71 26.28
N PHE A 61 -6.43 -17.31 25.14
CA PHE A 61 -7.30 -17.33 23.94
C PHE A 61 -7.79 -18.75 23.69
N LYS A 62 -7.53 -19.65 24.64
CA LYS A 62 -8.07 -21.05 24.66
C LYS A 62 -7.78 -21.66 23.29
N ILE A 63 -6.51 -21.69 22.92
CA ILE A 63 -6.02 -22.15 21.60
C ILE A 63 -5.82 -23.66 21.68
N PRO A 64 -6.58 -24.43 20.88
CA PRO A 64 -6.40 -25.88 20.84
C PRO A 64 -5.10 -26.23 20.12
N THR A 65 -4.26 -27.04 20.76
CA THR A 65 -2.91 -27.41 20.27
C THR A 65 -3.00 -28.03 18.87
N GLN A 66 -3.97 -28.90 18.62
CA GLN A 66 -4.01 -29.68 17.36
C GLN A 66 -3.91 -28.72 16.17
N GLN A 67 -4.75 -27.69 16.15
CA GLN A 67 -4.90 -26.77 14.98
C GLN A 67 -3.68 -25.86 14.94
N PHE A 68 -3.37 -25.21 16.08
CA PHE A 68 -2.13 -24.44 16.27
C PHE A 68 -1.01 -25.16 15.50
N MET A 69 -0.69 -26.38 15.93
CA MET A 69 0.45 -27.15 15.38
C MET A 69 0.20 -27.47 13.90
N ASN A 70 -1.05 -27.79 13.53
CA ASN A 70 -1.40 -28.05 12.11
C ASN A 70 -0.91 -26.88 11.29
N TYR A 71 -1.32 -25.65 11.65
CA TYR A 71 -1.07 -24.43 10.85
C TYR A 71 0.43 -24.20 10.74
N PHE A 72 1.08 -24.00 11.88
CA PHE A 72 2.51 -23.61 11.93
C PHE A 72 3.38 -24.68 11.25
N ARG A 73 2.97 -25.93 11.28
CA ARG A 73 3.70 -27.00 10.54
C ARG A 73 3.57 -26.74 9.03
N ALA A 74 2.39 -26.33 8.58
CA ALA A 74 2.14 -25.90 7.19
C ALA A 74 3.04 -24.69 6.90
N LEU A 75 2.93 -23.66 7.75
CA LEU A 75 3.66 -22.38 7.59
C LEU A 75 5.14 -22.70 7.35
N GLU A 76 5.78 -23.40 8.28
CA GLU A 76 7.18 -23.89 8.18
C GLU A 76 7.50 -24.35 6.77
N ASN A 77 6.69 -25.24 6.20
CA ASN A 77 6.97 -25.89 4.90
C ASN A 77 6.94 -24.83 3.79
N GLY A 78 6.20 -23.74 3.99
CA GLY A 78 6.14 -22.62 3.03
C GLY A 78 7.45 -21.85 2.92
N TYR A 79 8.28 -21.91 3.97
CA TYR A 79 9.67 -21.36 3.97
C TYR A 79 10.56 -22.26 3.09
N ARG A 80 11.29 -21.66 2.15
CA ARG A 80 12.07 -22.40 1.13
C ARG A 80 13.44 -22.79 1.69
N ASP A 81 14.17 -23.59 0.93
CA ASP A 81 15.52 -24.09 1.28
C ASP A 81 16.53 -23.11 0.66
N ILE A 82 16.67 -21.95 1.29
CA ILE A 82 17.51 -20.83 0.78
C ILE A 82 18.38 -20.32 1.93
N PRO A 83 19.58 -19.79 1.61
CA PRO A 83 20.53 -19.36 2.63
C PRO A 83 20.02 -18.56 3.83
N TYR A 84 19.14 -17.58 3.63
CA TYR A 84 18.83 -16.57 4.68
C TYR A 84 17.34 -16.51 5.03
N HIS A 85 16.46 -16.28 4.06
CA HIS A 85 15.01 -16.08 4.31
C HIS A 85 14.29 -17.43 4.44
N ASN A 86 14.51 -18.13 5.56
CA ASN A 86 14.10 -19.54 5.79
C ASN A 86 13.44 -19.65 7.17
N ARG A 87 13.04 -20.87 7.58
CA ARG A 87 12.35 -21.10 8.89
C ARG A 87 13.24 -20.65 10.04
N ILE A 88 14.57 -20.76 9.89
CA ILE A 88 15.56 -20.45 10.96
C ILE A 88 15.50 -18.95 11.24
N HIS A 89 15.64 -18.13 10.18
CA HIS A 89 15.48 -16.66 10.26
C HIS A 89 14.13 -16.36 10.95
N ALA A 90 13.03 -16.90 10.42
CA ALA A 90 11.66 -16.72 10.97
C ALA A 90 11.70 -16.97 12.47
N THR A 91 12.30 -18.08 12.88
CA THR A 91 12.41 -18.51 14.29
C THR A 91 13.22 -17.47 15.07
N ASP A 92 14.35 -17.04 14.51
CA ASP A 92 15.26 -16.05 15.17
C ASP A 92 14.46 -14.78 15.48
N VAL A 93 13.67 -14.33 14.51
CA VAL A 93 12.94 -13.03 14.58
C VAL A 93 11.84 -13.17 15.63
N LEU A 94 11.12 -14.30 15.58
CA LEU A 94 10.09 -14.67 16.57
C LEU A 94 10.70 -14.60 17.98
N HIS A 95 11.88 -15.20 18.15
CA HIS A 95 12.61 -15.17 19.44
C HIS A 95 12.83 -13.71 19.86
N ALA A 96 13.45 -12.92 19.00
CA ALA A 96 13.83 -11.52 19.30
C ALA A 96 12.61 -10.75 19.81
N VAL A 97 11.49 -10.80 19.09
CA VAL A 97 10.28 -10.00 19.44
C VAL A 97 9.81 -10.45 20.82
N TRP A 98 9.79 -11.76 21.05
CA TRP A 98 9.32 -12.33 22.33
C TRP A 98 10.20 -11.80 23.45
N TYR A 99 11.52 -11.98 23.31
CA TYR A 99 12.52 -11.53 24.30
C TYR A 99 12.31 -10.04 24.59
N LEU A 100 12.24 -9.21 23.54
CA LEU A 100 12.14 -7.73 23.65
C LEU A 100 10.88 -7.32 24.40
N THR A 101 9.79 -8.06 24.19
CA THR A 101 8.45 -7.70 24.72
C THR A 101 8.22 -8.25 26.14
N THR A 102 8.98 -9.27 26.55
CA THR A 102 8.78 -9.96 27.86
C THR A 102 9.80 -9.47 28.90
N ARG A 103 11.09 -9.46 28.55
CA ARG A 103 12.21 -9.26 29.51
C ARG A 103 12.09 -7.89 30.18
N PRO A 104 12.78 -7.69 31.32
CA PRO A 104 12.67 -6.46 32.10
C PRO A 104 13.41 -5.29 31.46
N VAL A 105 12.77 -4.11 31.47
CA VAL A 105 13.26 -2.84 30.88
C VAL A 105 13.45 -1.83 32.00
N PRO A 106 14.68 -1.33 32.22
CA PRO A 106 14.94 -0.30 33.23
C PRO A 106 14.08 0.95 33.10
N GLY A 107 13.45 1.37 34.20
CA GLY A 107 12.82 2.69 34.34
C GLY A 107 11.45 2.75 33.69
N LEU A 108 11.07 1.70 32.97
CA LEU A 108 9.74 1.64 32.33
C LEU A 108 8.70 1.38 33.42
N GLN A 109 7.62 2.17 33.40
CA GLN A 109 6.44 1.99 34.26
C GLN A 109 5.73 0.68 33.87
N GLN A 110 5.22 -0.06 34.85
CA GLN A 110 4.22 -1.14 34.64
C GLN A 110 2.85 -0.44 34.54
N ILE A 111 1.81 -1.20 34.22
CA ILE A 111 0.42 -0.66 34.05
C ILE A 111 -0.60 -1.73 34.44
N HIS A 112 -0.49 -2.95 33.90
CA HIS A 112 -1.44 -4.09 34.11
C HIS A 112 -0.66 -5.39 34.38
N ASN A 113 0.30 -5.38 35.33
CA ASN A 113 1.00 -6.60 35.84
C ASN A 113 2.12 -6.16 36.80
N ILE A 132 -9.71 -6.97 29.21
CA ILE A 132 -8.52 -6.86 28.32
C ILE A 132 -7.35 -7.63 28.96
N ALA A 133 -6.90 -8.72 28.33
CA ALA A 133 -5.84 -9.62 28.86
C ALA A 133 -4.45 -9.04 28.58
N TYR A 134 -3.47 -9.44 29.39
CA TYR A 134 -2.03 -9.10 29.27
C TYR A 134 -1.23 -10.35 29.62
N ILE A 135 -0.01 -10.51 29.12
CA ILE A 135 0.80 -11.73 29.36
C ILE A 135 1.92 -11.40 30.34
N SER A 136 2.48 -12.44 30.96
CA SER A 136 3.75 -12.44 31.72
C SER A 136 4.53 -13.69 31.33
N SER A 137 5.84 -13.58 31.12
CA SER A 137 6.67 -14.75 30.79
C SER A 137 6.90 -15.54 32.06
N LYS A 138 6.36 -16.77 32.12
CA LYS A 138 6.64 -17.73 33.22
C LYS A 138 8.15 -17.76 33.48
N SER A 139 8.98 -17.52 32.46
CA SER A 139 10.46 -17.63 32.53
C SER A 139 11.12 -16.28 32.88
N CYS A 140 10.47 -15.43 33.67
CA CYS A 140 11.11 -14.34 34.46
C CYS A 140 10.06 -13.37 35.01
N SER A 141 10.31 -12.84 36.21
CA SER A 141 9.57 -11.71 36.81
C SER A 141 10.50 -10.49 36.82
N ASN A 142 9.91 -9.28 36.73
CA ASN A 142 10.62 -7.98 36.87
C ASN A 142 11.38 -8.00 38.20
N PRO A 143 12.74 -8.02 38.22
CA PRO A 143 13.49 -7.98 39.46
C PRO A 143 12.87 -7.13 40.58
N ASP A 144 12.30 -5.96 40.26
CA ASP A 144 11.67 -5.05 41.26
C ASP A 144 10.70 -4.08 40.57
N GLU A 145 10.38 -2.96 41.24
CA GLU A 145 9.41 -1.92 40.80
C GLU A 145 10.11 -0.85 39.94
N SER A 146 11.45 -0.84 39.90
CA SER A 146 12.25 0.09 39.03
C SER A 146 12.34 -0.48 37.61
N TYR A 147 11.84 -1.70 37.42
CA TYR A 147 11.79 -2.42 36.12
C TYR A 147 10.34 -2.57 35.67
N GLY A 148 10.11 -2.47 34.36
CA GLY A 148 8.83 -2.77 33.69
C GLY A 148 9.03 -3.67 32.49
N CYS A 149 7.95 -4.28 31.99
CA CYS A 149 7.93 -5.08 30.75
C CYS A 149 6.98 -4.42 29.75
N LEU A 150 7.23 -4.64 28.46
CA LEU A 150 6.27 -4.28 27.39
C LEU A 150 4.98 -5.10 27.57
N SER A 151 5.15 -6.36 27.96
CA SER A 151 4.04 -7.30 28.28
C SER A 151 3.03 -6.67 29.24
N SER A 152 3.47 -5.76 30.12
CA SER A 152 2.62 -5.02 31.08
C SER A 152 1.86 -3.88 30.40
N ASN A 153 2.33 -3.38 29.25
CA ASN A 153 1.82 -2.13 28.61
C ASN A 153 1.12 -2.41 27.27
N ILE A 154 1.38 -3.54 26.63
CA ILE A 154 0.71 -3.91 25.36
C ILE A 154 -0.19 -5.12 25.60
N PRO A 155 -1.50 -5.00 25.26
CA PRO A 155 -2.46 -6.09 25.39
C PRO A 155 -2.03 -7.41 24.72
N ALA A 156 -2.43 -8.54 25.31
CA ALA A 156 -2.05 -9.90 24.85
C ALA A 156 -2.43 -10.08 23.38
N LEU A 157 -3.60 -9.60 22.99
CA LEU A 157 -4.10 -9.71 21.60
C LEU A 157 -3.03 -9.17 20.65
N GLU A 158 -2.45 -8.03 21.00
CA GLU A 158 -1.54 -7.27 20.13
C GLU A 158 -0.19 -7.98 20.08
N LEU A 159 0.30 -8.46 21.22
CA LEU A 159 1.61 -9.16 21.28
C LEU A 159 1.52 -10.50 20.53
N MET A 160 0.37 -11.17 20.57
CA MET A 160 0.18 -12.42 19.81
C MET A 160 0.33 -12.12 18.31
N ALA A 161 -0.33 -11.06 17.83
CA ALA A 161 -0.26 -10.62 16.42
C ALA A 161 1.21 -10.52 16.05
N LEU A 162 1.97 -9.80 16.87
CA LEU A 162 3.41 -9.55 16.62
C LEU A 162 4.12 -10.89 16.44
N TYR A 163 3.90 -11.83 17.35
CA TYR A 163 4.60 -13.14 17.37
C TYR A 163 4.19 -13.92 16.11
N VAL A 164 2.89 -13.95 15.84
CA VAL A 164 2.34 -14.68 14.67
C VAL A 164 2.91 -14.03 13.40
N ALA A 165 2.95 -12.70 13.38
CA ALA A 165 3.51 -11.90 12.27
C ALA A 165 4.97 -12.33 12.02
N ALA A 166 5.77 -12.43 13.09
CA ALA A 166 7.18 -12.86 13.06
C ALA A 166 7.29 -14.21 12.34
N ALA A 167 6.42 -15.14 12.71
CA ALA A 167 6.34 -16.50 12.14
C ALA A 167 6.09 -16.44 10.62
N MET A 168 5.19 -15.55 10.19
CA MET A 168 4.75 -15.47 8.77
C MET A 168 5.69 -14.60 7.92
N HIS A 169 6.47 -13.73 8.56
CA HIS A 169 6.89 -12.45 7.96
C HIS A 169 7.69 -12.65 6.66
N ASP A 170 8.25 -13.85 6.42
CA ASP A 170 9.08 -14.13 5.21
C ASP A 170 8.59 -15.41 4.51
N TYR A 171 7.35 -15.82 4.76
CA TYR A 171 6.77 -17.08 4.23
C TYR A 171 6.84 -17.06 2.69
N ASP A 172 7.35 -18.14 2.10
CA ASP A 172 7.48 -18.36 0.64
C ASP A 172 8.35 -17.26 0.01
N HIS A 173 9.40 -16.83 0.70
CA HIS A 173 10.41 -15.88 0.16
C HIS A 173 11.22 -16.60 -0.91
N PRO A 174 11.30 -16.06 -2.13
CA PRO A 174 12.01 -16.73 -3.22
C PRO A 174 13.51 -16.42 -3.34
N GLY A 175 14.07 -15.72 -2.35
CA GLY A 175 15.51 -15.44 -2.24
C GLY A 175 15.95 -14.34 -3.18
N ARG A 176 14.99 -13.56 -3.68
CA ARG A 176 15.26 -12.37 -4.50
C ARG A 176 14.76 -11.13 -3.75
N THR A 177 15.31 -9.97 -4.08
CA THR A 177 14.92 -8.64 -3.55
C THR A 177 13.68 -8.17 -4.31
N ASN A 178 12.94 -7.21 -3.73
CA ASN A 178 11.84 -6.48 -4.42
C ASN A 178 12.41 -5.87 -5.70
N GLU A 179 13.55 -5.19 -5.62
CA GLU A 179 14.14 -4.44 -6.76
C GLU A 179 14.31 -5.41 -7.93
N PHE A 180 14.82 -6.62 -7.66
CA PHE A 180 14.99 -7.68 -8.69
C PHE A 180 13.65 -7.99 -9.35
N LEU A 181 12.64 -8.32 -8.54
CA LEU A 181 11.29 -8.71 -9.04
C LEU A 181 10.70 -7.58 -9.89
N VAL A 182 10.92 -6.32 -9.48
CA VAL A 182 10.35 -5.11 -10.16
C VAL A 182 11.07 -4.95 -11.49
N ALA A 183 12.41 -4.86 -11.42
CA ALA A 183 13.34 -4.81 -12.56
C ALA A 183 12.89 -5.82 -13.62
N THR A 184 12.61 -7.06 -13.23
CA THR A 184 12.33 -8.19 -14.16
C THR A 184 10.84 -8.32 -14.47
N ASN A 185 10.00 -7.37 -14.04
CA ASN A 185 8.51 -7.41 -14.20
C ASN A 185 7.97 -8.80 -13.83
N ALA A 186 8.52 -9.42 -12.78
CA ALA A 186 8.07 -10.74 -12.26
C ALA A 186 6.57 -10.70 -12.01
N PRO A 187 5.85 -11.83 -12.10
CA PRO A 187 4.39 -11.82 -11.93
C PRO A 187 3.97 -11.22 -10.58
N GLN A 188 4.63 -11.60 -9.50
CA GLN A 188 4.36 -11.05 -8.14
C GLN A 188 4.42 -9.52 -8.16
N ALA A 189 5.43 -8.97 -8.83
CA ALA A 189 5.73 -7.51 -8.87
C ALA A 189 4.56 -6.81 -9.55
N VAL A 190 4.09 -7.39 -10.65
CA VAL A 190 2.92 -6.89 -11.41
C VAL A 190 1.69 -6.99 -10.51
N LEU A 191 1.50 -8.17 -9.90
CA LEU A 191 0.34 -8.46 -9.02
C LEU A 191 0.20 -7.35 -7.96
N TYR A 192 1.31 -6.87 -7.38
CA TYR A 192 1.33 -5.95 -6.21
C TYR A 192 1.78 -4.56 -6.64
N ASN A 193 1.79 -4.27 -7.94
CA ASN A 193 2.03 -2.90 -8.44
C ASN A 193 3.30 -2.33 -7.80
N ASP A 194 4.30 -3.21 -7.62
CA ASP A 194 5.70 -2.89 -7.23
C ASP A 194 5.80 -2.41 -5.79
N ARG A 195 4.68 -2.29 -5.06
CA ARG A 195 4.71 -1.81 -3.65
C ARG A 195 4.83 -2.99 -2.70
N SER A 196 5.88 -3.00 -1.89
CA SER A 196 6.12 -4.00 -0.83
C SER A 196 5.81 -5.39 -1.38
N VAL A 197 6.39 -5.77 -2.51
CA VAL A 197 5.98 -6.97 -3.29
C VAL A 197 6.08 -8.22 -2.40
N LEU A 198 7.27 -8.52 -1.91
CA LEU A 198 7.51 -9.72 -1.09
C LEU A 198 6.63 -9.66 0.16
N GLU A 199 6.62 -8.53 0.85
CA GLU A 199 6.01 -8.41 2.19
C GLU A 199 4.50 -8.64 2.09
N ASN A 200 3.87 -8.15 1.02
CA ASN A 200 2.42 -8.37 0.73
C ASN A 200 2.21 -9.86 0.50
N HIS A 201 3.08 -10.50 -0.28
CA HIS A 201 2.97 -11.95 -0.65
C HIS A 201 3.16 -12.81 0.60
N HIS A 202 4.12 -12.48 1.45
CA HIS A 202 4.35 -13.18 2.75
C HIS A 202 3.01 -13.24 3.49
N ALA A 203 2.40 -12.08 3.74
CA ALA A 203 1.15 -11.95 4.52
C ALA A 203 -0.02 -12.56 3.76
N ALA A 204 -0.09 -12.36 2.45
CA ALA A 204 -1.25 -12.76 1.64
C ALA A 204 -1.33 -14.29 1.60
N SER A 205 -0.21 -14.95 1.30
CA SER A 205 -0.18 -16.42 1.08
C SER A 205 -0.20 -17.15 2.42
N ALA A 206 0.33 -16.52 3.48
CA ALA A 206 0.26 -17.00 4.87
C ALA A 206 -1.20 -17.08 5.31
N TRP A 207 -1.96 -15.99 5.13
CA TRP A 207 -3.38 -15.89 5.56
C TRP A 207 -4.22 -16.80 4.69
N ASN A 208 -3.93 -16.79 3.38
CA ASN A 208 -4.59 -17.68 2.40
C ASN A 208 -4.48 -19.11 2.89
N LEU A 209 -3.31 -19.51 3.39
CA LEU A 209 -3.06 -20.86 3.96
C LEU A 209 -3.97 -21.03 5.19
N TYR A 210 -3.93 -20.10 6.14
CA TYR A 210 -4.67 -20.20 7.42
C TYR A 210 -6.16 -20.44 7.15
N LEU A 211 -6.70 -19.75 6.14
CA LEU A 211 -8.14 -19.80 5.81
C LEU A 211 -8.43 -21.01 4.91
N SER A 212 -7.41 -21.67 4.36
CA SER A 212 -7.54 -22.71 3.31
C SER A 212 -8.03 -24.05 3.88
N ARG A 213 -8.21 -24.18 5.20
CA ARG A 213 -8.87 -25.40 5.79
C ARG A 213 -9.10 -25.25 7.29
N PRO A 214 -10.19 -25.82 7.84
CA PRO A 214 -10.65 -25.54 9.20
C PRO A 214 -9.78 -26.19 10.28
N GLU A 215 -8.95 -27.17 9.89
CA GLU A 215 -7.99 -27.89 10.79
C GLU A 215 -6.87 -26.92 11.19
N TYR A 216 -6.90 -25.67 10.70
CA TYR A 216 -5.88 -24.62 10.94
C TYR A 216 -6.42 -23.50 11.83
N ASN A 217 -7.74 -23.43 12.04
CA ASN A 217 -8.41 -22.27 12.67
C ASN A 217 -8.21 -22.32 14.18
N PHE A 218 -6.99 -22.06 14.64
CA PHE A 218 -6.63 -22.13 16.08
C PHE A 218 -7.16 -20.90 16.84
N LEU A 219 -7.70 -19.90 16.12
CA LEU A 219 -8.24 -18.66 16.72
C LEU A 219 -9.77 -18.77 16.86
N LEU A 220 -10.30 -19.99 16.79
CA LEU A 220 -11.76 -20.26 16.72
C LEU A 220 -12.51 -19.58 17.87
N HIS A 221 -11.84 -19.28 18.98
CA HIS A 221 -12.47 -18.70 20.18
C HIS A 221 -12.35 -17.15 20.20
N LEU A 222 -11.76 -16.51 19.19
CA LEU A 222 -11.90 -15.04 19.01
C LEU A 222 -13.19 -14.75 18.25
N ASP A 223 -13.89 -13.67 18.59
CA ASP A 223 -15.10 -13.24 17.85
C ASP A 223 -14.68 -12.50 16.58
N HIS A 224 -15.62 -12.35 15.64
CA HIS A 224 -15.44 -11.68 14.34
C HIS A 224 -14.55 -10.45 14.53
N VAL A 225 -14.93 -9.54 15.41
CA VAL A 225 -14.22 -8.25 15.66
C VAL A 225 -12.76 -8.52 16.10
N GLU A 226 -12.56 -9.29 17.17
CA GLU A 226 -11.22 -9.64 17.70
C GLU A 226 -10.35 -10.17 16.56
N PHE A 227 -10.89 -11.09 15.77
CA PHE A 227 -10.16 -11.76 14.67
C PHE A 227 -9.81 -10.76 13.58
N GLU A 228 -10.80 -10.08 13.01
CA GLU A 228 -10.61 -8.97 12.04
C GLU A 228 -9.42 -8.14 12.52
N ARG A 229 -9.44 -7.69 13.77
CA ARG A 229 -8.44 -6.76 14.32
C ARG A 229 -7.07 -7.45 14.38
N PHE A 230 -7.02 -8.63 14.96
CA PHE A 230 -5.81 -9.48 15.01
C PHE A 230 -5.15 -9.51 13.64
N ARG A 231 -5.91 -9.93 12.61
CA ARG A 231 -5.48 -9.99 11.18
C ARG A 231 -4.86 -8.64 10.77
N PHE A 232 -5.59 -7.54 11.00
CA PHE A 232 -5.11 -6.17 10.70
C PHE A 232 -3.71 -6.00 11.28
N LEU A 233 -3.56 -6.27 12.57
CA LEU A 233 -2.33 -6.02 13.37
C LEU A 233 -1.18 -6.86 12.82
N VAL A 234 -1.46 -8.11 12.47
CA VAL A 234 -0.47 -9.04 11.87
C VAL A 234 0.02 -8.45 10.56
N ILE A 235 -0.90 -8.06 9.68
CA ILE A 235 -0.52 -7.56 8.33
C ILE A 235 0.35 -6.31 8.51
N GLU A 236 -0.12 -5.33 9.29
CA GLU A 236 0.62 -4.06 9.55
C GLU A 236 2.03 -4.38 10.01
N ALA A 237 2.19 -5.40 10.85
CA ALA A 237 3.48 -5.87 11.41
C ALA A 237 4.36 -6.42 10.29
N ILE A 238 3.82 -7.29 9.46
CA ILE A 238 4.58 -7.90 8.33
C ILE A 238 5.02 -6.79 7.36
N LEU A 239 4.11 -5.89 7.00
CA LEU A 239 4.34 -4.84 5.97
C LEU A 239 5.39 -3.84 6.44
N ALA A 240 5.61 -3.74 7.75
CA ALA A 240 6.59 -2.84 8.37
C ALA A 240 8.01 -3.37 8.12
N THR A 241 8.17 -4.64 7.71
CA THR A 241 9.49 -5.29 7.54
C THR A 241 10.11 -4.95 6.17
N ASP A 242 9.36 -4.29 5.28
CA ASP A 242 9.92 -3.69 4.04
C ASP A 242 10.86 -2.55 4.45
N LEU A 243 12.12 -2.60 4.03
CA LEU A 243 13.15 -1.62 4.45
C LEU A 243 13.04 -0.34 3.60
N LYS A 244 12.30 -0.35 2.49
CA LYS A 244 12.06 0.89 1.71
C LYS A 244 11.29 1.85 2.61
N LYS A 245 10.52 1.36 3.58
CA LYS A 245 9.73 2.21 4.50
C LYS A 245 10.52 2.49 5.78
N HIS A 246 11.80 2.12 5.79
CA HIS A 246 12.63 2.15 7.03
C HIS A 246 12.63 3.57 7.63
N PHE A 247 13.01 4.58 6.85
CA PHE A 247 13.26 5.94 7.37
C PHE A 247 11.93 6.61 7.71
N ASP A 248 10.84 6.25 7.00
CA ASP A 248 9.44 6.67 7.30
C ASP A 248 9.09 6.21 8.72
N PHE A 249 9.16 4.90 8.98
CA PHE A 249 8.87 4.31 10.31
C PHE A 249 9.76 4.97 11.36
N LEU A 250 11.05 5.16 11.05
CA LEU A 250 12.05 5.69 12.02
C LEU A 250 11.66 7.12 12.44
N ALA A 251 11.36 7.99 11.45
CA ALA A 251 10.83 9.35 11.66
C ALA A 251 9.63 9.29 12.61
N GLU A 252 8.58 8.58 12.18
CA GLU A 252 7.27 8.57 12.87
C GLU A 252 7.50 8.20 14.33
N PHE A 253 8.43 7.29 14.59
CA PHE A 253 8.70 6.73 15.94
C PHE A 253 9.38 7.79 16.82
N ASN A 254 10.37 8.49 16.30
CA ASN A 254 11.12 9.48 17.10
C ASN A 254 10.22 10.66 17.44
N ALA A 255 9.36 11.06 16.50
CA ALA A 255 8.33 12.11 16.69
C ALA A 255 7.53 11.82 17.96
N LYS A 256 6.95 10.61 18.07
CA LYS A 256 6.09 10.24 19.23
C LYS A 256 6.98 9.97 20.44
N ALA A 257 7.90 9.00 20.32
CA ALA A 257 8.67 8.44 21.46
C ALA A 257 9.71 9.44 21.95
N ASN A 258 10.52 10.01 21.05
CA ASN A 258 11.74 10.74 21.42
C ASN A 258 11.58 12.26 21.21
N ASP A 259 10.35 12.79 21.23
CA ASP A 259 10.15 14.27 21.23
C ASP A 259 10.29 14.76 22.66
N VAL A 260 11.08 15.83 22.87
CA VAL A 260 11.41 16.38 24.20
C VAL A 260 10.26 17.26 24.69
N ASN A 261 9.50 17.86 23.77
CA ASN A 261 8.35 18.75 24.07
C ASN A 261 7.03 17.98 24.11
N SER A 262 6.99 16.75 23.57
CA SER A 262 5.81 15.84 23.67
C SER A 262 5.99 14.95 24.90
N ASN A 263 4.96 14.18 25.27
CA ASN A 263 4.97 13.32 26.48
C ASN A 263 5.12 11.84 26.07
N GLY A 264 5.66 11.57 24.89
CA GLY A 264 6.15 10.24 24.52
C GLY A 264 5.02 9.30 24.16
N ILE A 265 5.06 8.08 24.66
CA ILE A 265 4.16 6.98 24.22
C ILE A 265 2.94 6.93 25.15
N GLU A 266 1.76 7.26 24.65
CA GLU A 266 0.49 6.98 25.35
C GLU A 266 0.19 5.49 25.17
N TRP A 267 0.48 4.68 26.19
CA TRP A 267 0.26 3.21 26.15
C TRP A 267 -1.23 2.88 25.96
N SER A 268 -2.12 3.83 26.28
CA SER A 268 -3.60 3.71 26.14
C SER A 268 -4.03 3.84 24.68
N ASN A 269 -3.18 4.44 23.84
CA ASN A 269 -3.50 4.79 22.43
C ASN A 269 -3.18 3.62 21.50
N GLU A 270 -4.14 3.23 20.66
CA GLU A 270 -4.05 2.10 19.70
C GLU A 270 -2.89 2.28 18.73
N ASN A 271 -2.78 3.47 18.11
CA ASN A 271 -1.81 3.76 17.03
C ASN A 271 -0.39 3.86 17.61
N ASP A 272 -0.25 4.46 18.80
CA ASP A 272 1.05 4.52 19.52
C ASP A 272 1.53 3.09 19.81
N ARG A 273 0.62 2.18 20.21
CA ARG A 273 1.00 0.78 20.57
C ARG A 273 1.41 0.02 19.30
N LEU A 274 0.63 0.13 18.21
CA LEU A 274 0.95 -0.50 16.91
C LEU A 274 2.35 -0.08 16.47
N LEU A 275 2.61 1.23 16.47
CA LEU A 275 3.88 1.80 16.00
C LEU A 275 5.03 1.18 16.80
N VAL A 276 4.84 1.01 18.10
CA VAL A 276 5.87 0.39 18.98
C VAL A 276 6.16 -1.03 18.49
N CYS A 277 5.12 -1.80 18.19
CA CYS A 277 5.26 -3.21 17.73
C CYS A 277 5.95 -3.23 16.37
N GLN A 278 5.55 -2.32 15.48
CA GLN A 278 6.15 -2.20 14.12
C GLN A 278 7.66 -2.01 14.26
N VAL A 279 8.08 -1.08 15.10
CA VAL A 279 9.52 -0.81 15.33
C VAL A 279 10.16 -2.03 15.98
N CYS A 280 9.41 -2.72 16.85
CA CYS A 280 9.95 -3.88 17.57
C CYS A 280 10.33 -4.96 16.55
N ILE A 281 9.39 -5.35 15.69
CA ILE A 281 9.66 -6.43 14.70
C ILE A 281 10.73 -5.95 13.72
N LYS A 282 10.67 -4.66 13.36
CA LYS A 282 11.64 -4.06 12.41
C LYS A 282 13.03 -4.39 12.94
N LEU A 283 13.21 -4.19 14.23
CA LEU A 283 14.51 -4.35 14.93
C LEU A 283 14.82 -5.85 15.03
N ALA A 284 13.82 -6.65 15.35
CA ALA A 284 13.94 -8.12 15.43
C ALA A 284 14.41 -8.68 14.09
N ASP A 285 13.93 -8.15 12.96
CA ASP A 285 14.20 -8.69 11.60
C ASP A 285 15.68 -8.54 11.25
N ILE A 286 16.38 -7.62 11.92
CA ILE A 286 17.80 -7.26 11.59
C ILE A 286 18.66 -7.25 12.86
N ASN A 287 18.47 -8.26 13.73
CA ASN A 287 19.02 -8.29 15.11
C ASN A 287 20.53 -8.57 15.07
N GLY A 288 20.99 -9.30 14.04
CA GLY A 288 22.34 -9.91 13.96
C GLY A 288 23.45 -9.01 14.50
N PRO A 289 23.63 -7.78 13.97
CA PRO A 289 24.64 -6.86 14.48
C PRO A 289 24.57 -6.56 15.98
N ALA A 290 23.42 -6.77 16.61
CA ALA A 290 23.21 -6.52 18.06
C ALA A 290 23.34 -7.82 18.84
N LYS A 291 23.91 -8.85 18.23
CA LYS A 291 24.19 -10.16 18.88
C LYS A 291 25.70 -10.38 18.94
N VAL A 292 26.14 -11.34 19.74
CA VAL A 292 27.53 -11.88 19.76
C VAL A 292 28.02 -12.05 18.32
N ARG A 293 29.30 -11.76 18.11
CA ARG A 293 29.91 -11.74 16.76
C ARG A 293 29.68 -13.09 16.09
N ASP A 294 29.85 -14.18 16.85
CA ASP A 294 29.62 -15.58 16.39
C ASP A 294 28.34 -15.63 15.56
N LEU A 295 27.23 -15.11 16.11
CA LEU A 295 25.87 -15.20 15.52
C LEU A 295 25.74 -14.22 14.36
N HIS A 296 26.14 -12.97 14.60
CA HIS A 296 26.14 -11.88 13.58
C HIS A 296 26.73 -12.39 12.27
N LEU A 297 27.87 -13.07 12.37
CA LEU A 297 28.69 -13.50 11.21
C LEU A 297 28.02 -14.67 10.52
N LYS A 298 27.40 -15.56 11.27
CA LYS A 298 26.65 -16.72 10.70
C LYS A 298 25.52 -16.17 9.83
N TRP A 299 24.83 -15.14 10.32
CA TRP A 299 23.65 -14.53 9.64
C TRP A 299 24.13 -13.83 8.38
N THR A 300 25.21 -13.05 8.49
CA THR A 300 25.92 -12.38 7.38
C THR A 300 26.23 -13.40 6.28
N GLU A 301 26.86 -14.51 6.65
CA GLU A 301 27.24 -15.61 5.72
C GLU A 301 26.00 -15.98 4.90
N GLY A 302 24.87 -16.20 5.58
CA GLY A 302 23.57 -16.56 4.96
C GLY A 302 23.13 -15.57 3.91
N ILE A 303 23.04 -14.29 4.28
CA ILE A 303 22.41 -13.26 3.40
C ILE A 303 23.27 -13.04 2.14
N VAL A 304 24.59 -13.01 2.26
CA VAL A 304 25.47 -12.81 1.07
C VAL A 304 25.32 -14.02 0.14
N ASN A 305 25.23 -15.23 0.70
CA ASN A 305 25.07 -16.46 -0.11
C ASN A 305 23.79 -16.32 -0.92
N GLU A 306 22.76 -15.72 -0.32
CA GLU A 306 21.48 -15.47 -1.01
C GLU A 306 21.68 -14.37 -2.07
N PHE A 307 22.44 -13.33 -1.72
CA PHE A 307 22.78 -12.19 -2.62
C PHE A 307 23.46 -12.71 -3.89
N TYR A 308 24.43 -13.62 -3.71
CA TYR A 308 25.31 -14.10 -4.80
C TYR A 308 24.49 -14.96 -5.76
N GLU A 309 23.57 -15.76 -5.24
CA GLU A 309 22.64 -16.56 -6.09
C GLU A 309 21.84 -15.63 -6.99
N GLN A 310 21.43 -14.46 -6.47
CA GLN A 310 20.65 -13.45 -7.23
C GLN A 310 21.56 -12.83 -8.29
N GLY A 311 22.79 -12.47 -7.92
CA GLY A 311 23.80 -11.92 -8.84
C GLY A 311 24.06 -12.89 -9.97
N ASP A 312 24.24 -14.16 -9.62
CA ASP A 312 24.42 -15.30 -10.56
C ASP A 312 23.30 -15.22 -11.60
N GLU A 313 22.04 -15.02 -11.18
CA GLU A 313 20.86 -15.01 -12.08
C GLU A 313 20.86 -13.72 -12.89
N GLU A 314 21.09 -12.58 -12.23
CA GLU A 314 21.22 -11.25 -12.91
C GLU A 314 22.21 -11.39 -14.06
N ALA A 315 23.41 -11.91 -13.77
CA ALA A 315 24.49 -12.17 -14.74
C ALA A 315 23.95 -13.01 -15.91
N ASN A 316 23.20 -14.07 -15.63
CA ASN A 316 22.69 -15.02 -16.65
C ASN A 316 21.65 -14.36 -17.56
N LEU A 317 20.88 -13.41 -17.04
CA LEU A 317 19.82 -12.71 -17.81
C LEU A 317 20.41 -11.47 -18.49
N GLY A 318 21.72 -11.26 -18.33
CA GLY A 318 22.43 -10.07 -18.84
C GLY A 318 21.85 -8.82 -18.21
N LEU A 319 21.67 -8.81 -16.89
CA LEU A 319 21.25 -7.60 -16.14
C LEU A 319 22.43 -7.10 -15.33
N PRO A 320 22.48 -5.78 -15.08
CA PRO A 320 23.49 -5.21 -14.19
C PRO A 320 23.35 -5.89 -12.82
N ILE A 321 24.46 -6.44 -12.34
CA ILE A 321 24.55 -7.12 -11.02
C ILE A 321 24.40 -6.07 -9.91
N SER A 322 23.38 -6.21 -9.05
CA SER A 322 23.08 -5.27 -7.94
C SER A 322 24.29 -5.13 -7.03
N PRO A 323 24.42 -3.99 -6.33
CA PRO A 323 25.50 -3.80 -5.36
C PRO A 323 25.65 -4.99 -4.41
N PHE A 324 26.89 -5.37 -4.16
CA PHE A 324 27.32 -6.38 -3.17
C PHE A 324 26.78 -7.76 -3.52
N MET A 325 26.46 -8.02 -4.80
CA MET A 325 25.88 -9.33 -5.19
C MET A 325 26.77 -10.08 -6.17
N ASP A 326 27.95 -9.54 -6.52
CA ASP A 326 28.91 -10.24 -7.41
C ASP A 326 29.88 -11.07 -6.55
N ARG A 327 29.69 -12.39 -6.50
CA ARG A 327 30.48 -13.27 -5.59
C ARG A 327 31.97 -12.99 -5.80
N SER A 328 32.38 -12.74 -7.05
CA SER A 328 33.78 -12.48 -7.45
C SER A 328 34.22 -11.06 -7.08
N ASP A 329 33.64 -10.45 -6.02
CA ASP A 329 33.87 -9.04 -5.58
C ASP A 329 32.95 -8.73 -4.40
N PRO A 330 33.23 -9.29 -3.20
CA PRO A 330 32.33 -9.13 -2.04
C PRO A 330 32.04 -7.69 -1.62
N GLN A 331 33.11 -6.89 -1.43
CA GLN A 331 33.05 -5.63 -0.66
C GLN A 331 32.23 -5.88 0.62
N LEU A 332 32.64 -6.89 1.39
CA LEU A 332 31.84 -7.42 2.53
C LEU A 332 31.87 -6.42 3.69
N ALA A 333 33.01 -5.79 3.93
CA ALA A 333 33.15 -4.79 5.02
C ALA A 333 32.27 -3.59 4.71
N LYS A 334 32.30 -3.11 3.46
CA LYS A 334 31.53 -1.93 3.01
C LYS A 334 30.04 -2.18 3.23
N LEU A 335 29.56 -3.38 2.87
CA LEU A 335 28.14 -3.79 3.04
C LEU A 335 27.78 -3.76 4.52
N GLN A 336 28.53 -4.48 5.34
CA GLN A 336 28.27 -4.61 6.79
C GLN A 336 28.31 -3.24 7.45
N GLU A 337 29.35 -2.47 7.19
CA GLU A 337 29.53 -1.16 7.86
C GLU A 337 28.34 -0.28 7.45
N SER A 338 28.12 -0.10 6.14
CA SER A 338 27.00 0.71 5.60
C SER A 338 25.71 0.33 6.32
N PHE A 339 25.35 -0.96 6.31
CA PHE A 339 24.10 -1.51 6.87
C PHE A 339 23.98 -1.20 8.38
N ILE A 340 25.04 -1.44 9.14
CA ILE A 340 24.99 -1.18 10.60
C ILE A 340 24.85 0.32 10.85
N THR A 341 25.56 1.14 10.09
CA THR A 341 25.60 2.61 10.26
C THR A 341 24.26 3.24 9.85
N HIS A 342 23.76 2.91 8.65
CA HIS A 342 22.64 3.64 8.00
C HIS A 342 21.28 3.04 8.38
N ILE A 343 21.20 1.75 8.75
CA ILE A 343 19.91 1.03 8.98
C ILE A 343 19.76 0.62 10.44
N VAL A 344 20.67 -0.22 10.94
CA VAL A 344 20.55 -0.90 12.26
C VAL A 344 20.85 0.09 13.38
N GLY A 345 21.97 0.81 13.24
CA GLY A 345 22.46 1.75 14.26
C GLY A 345 21.36 2.69 14.71
N PRO A 346 20.82 3.51 13.77
CA PRO A 346 19.83 4.54 14.09
C PRO A 346 18.56 3.97 14.72
N LEU A 347 18.12 2.81 14.24
CA LEU A 347 16.96 2.09 14.79
C LEU A 347 17.18 1.77 16.28
N CYS A 348 18.30 1.12 16.62
CA CYS A 348 18.56 0.67 18.01
C CYS A 348 18.68 1.88 18.93
N ASN A 349 19.27 2.95 18.44
CA ASN A 349 19.47 4.18 19.22
C ASN A 349 18.11 4.82 19.50
N SER A 350 17.20 4.82 18.52
CA SER A 350 15.82 5.34 18.70
C SER A 350 15.14 4.53 19.80
N TYR A 351 15.16 3.20 19.66
CA TYR A 351 14.54 2.27 20.63
C TYR A 351 15.15 2.51 22.01
N ASP A 352 16.48 2.68 22.07
CA ASP A 352 17.22 2.82 23.34
C ASP A 352 16.95 4.19 23.98
N ALA A 353 16.92 5.26 23.18
CA ALA A 353 16.59 6.64 23.60
C ALA A 353 15.18 6.67 24.22
N ALA A 354 14.26 5.91 23.63
CA ALA A 354 12.85 5.82 24.09
C ALA A 354 12.75 4.91 25.31
N GLY A 355 13.86 4.35 25.79
CA GLY A 355 13.92 3.55 27.03
C GLY A 355 13.08 2.29 26.96
N LEU A 356 13.05 1.61 25.82
CA LEU A 356 12.24 0.39 25.58
C LEU A 356 13.11 -0.86 25.47
N LEU A 357 14.44 -0.74 25.54
CA LEU A 357 15.35 -1.91 25.44
C LEU A 357 15.48 -2.60 26.79
N PRO A 358 15.35 -3.94 26.87
CA PRO A 358 15.70 -4.66 28.09
C PRO A 358 17.20 -4.47 28.38
N GLY A 359 17.52 -4.27 29.66
CA GLY A 359 18.88 -3.97 30.16
C GLY A 359 18.92 -4.15 31.66
N GLN A 360 19.94 -3.61 32.35
CA GLN A 360 20.02 -3.64 33.83
C GLN A 360 20.80 -2.44 34.36
N TRP A 361 20.52 -2.04 35.60
CA TRP A 361 21.06 -0.85 36.29
C TRP A 361 22.50 -1.12 36.77
N LEU A 362 23.25 -0.05 37.09
CA LEU A 362 24.64 -0.11 37.65
C LEU A 362 24.71 0.73 38.93
N ARG A 404 24.14 4.43 35.94
CA ARG A 404 24.19 4.05 34.50
C ARG A 404 23.34 2.79 34.28
N ILE A 405 23.14 2.44 33.01
CA ILE A 405 22.35 1.25 32.54
C ILE A 405 23.22 0.47 31.56
N PHE A 406 23.29 -0.86 31.68
CA PHE A 406 23.97 -1.74 30.69
C PHE A 406 22.93 -2.41 29.79
N CYS A 407 22.93 -2.02 28.52
CA CYS A 407 22.06 -2.59 27.46
C CYS A 407 22.89 -3.57 26.61
N GLN A 408 22.66 -4.87 26.78
CA GLN A 408 23.52 -5.93 26.23
C GLN A 408 23.72 -5.72 24.73
N LEU A 409 22.64 -5.52 23.97
CA LEU A 409 22.70 -5.56 22.49
C LEU A 409 23.24 -4.24 21.94
N MET A 410 23.19 -3.16 22.72
CA MET A 410 23.86 -1.87 22.37
C MET A 410 25.38 -2.07 22.42
N HIS A 411 25.84 -2.91 23.36
CA HIS A 411 27.27 -3.27 23.52
C HIS A 411 27.69 -4.09 22.31
N HIS A 412 26.96 -5.17 22.03
CA HIS A 412 27.12 -6.04 20.84
C HIS A 412 27.15 -5.19 19.58
N LEU A 413 26.15 -4.33 19.43
CA LEU A 413 25.97 -3.49 18.23
C LEU A 413 27.23 -2.64 18.03
N THR A 414 27.69 -2.00 19.09
CA THR A 414 28.86 -1.08 19.07
C THR A 414 30.14 -1.88 18.78
N GLU A 415 30.38 -2.97 19.52
CA GLU A 415 31.58 -3.82 19.33
C GLU A 415 31.60 -4.31 17.87
N ASN A 416 30.47 -4.80 17.35
CA ASN A 416 30.35 -5.29 15.96
C ASN A 416 30.61 -4.15 14.97
N HIS A 417 29.96 -3.00 15.18
CA HIS A 417 30.12 -1.81 14.32
C HIS A 417 31.60 -1.40 14.23
N LYS A 418 32.35 -1.55 15.33
CA LYS A 418 33.79 -1.19 15.42
C LYS A 418 34.63 -2.19 14.63
N ILE A 419 34.32 -3.48 14.72
CA ILE A 419 35.15 -4.55 14.10
C ILE A 419 35.12 -4.39 12.58
N TRP A 420 34.00 -3.92 12.03
CA TRP A 420 33.74 -3.79 10.58
C TRP A 420 34.31 -2.48 10.03
N LYS A 421 34.12 -1.41 10.78
CA LYS A 421 34.77 -0.09 10.56
C LYS A 421 36.28 -0.36 10.41
N GLU A 422 36.81 -1.24 11.26
CA GLU A 422 38.25 -1.63 11.32
C GLU A 422 38.61 -2.36 10.02
N ASN A 423 37.89 -3.41 9.64
CA ASN A 423 38.22 -4.21 8.42
C ASN A 423 38.17 -3.30 7.19
N LEU A 424 37.25 -2.33 7.17
CA LEU A 424 37.13 -1.34 6.07
C LEU A 424 38.38 -0.45 6.06
N TYR A 425 38.53 0.45 7.05
CA TYR A 425 39.62 1.46 7.17
C TYR A 425 40.96 0.82 6.81
N PHE A 426 41.24 -0.39 7.33
CA PHE A 426 42.59 -1.02 7.35
C PHE A 426 42.75 -1.95 6.11
N GLN A 427 41.85 -2.92 5.90
CA GLN A 427 41.92 -3.88 4.76
C GLN A 427 41.01 -3.40 3.61
N VAL B 12 -12.62 10.36 -40.42
CA VAL B 12 -12.09 11.76 -40.60
C VAL B 12 -13.26 12.75 -40.56
N GLU B 13 -14.38 12.39 -41.20
CA GLU B 13 -15.67 13.13 -41.08
C GLU B 13 -16.16 13.01 -39.62
N GLU B 14 -16.16 11.78 -39.08
CA GLU B 14 -16.67 11.42 -37.72
C GLU B 14 -15.84 12.16 -36.65
N TYR B 15 -14.52 12.21 -36.82
CA TYR B 15 -13.54 12.79 -35.87
C TYR B 15 -14.01 14.18 -35.40
N ASP B 16 -14.23 15.10 -36.34
CA ASP B 16 -14.52 16.52 -36.03
C ASP B 16 -15.88 16.65 -35.35
N SER B 17 -16.85 15.81 -35.72
CA SER B 17 -18.19 15.73 -35.10
C SER B 17 -18.03 15.51 -33.59
N LEU B 18 -17.34 14.44 -33.21
CA LEU B 18 -17.13 13.96 -31.82
C LEU B 18 -16.33 14.99 -31.01
N ILE B 19 -15.14 15.36 -31.47
CA ILE B 19 -14.20 16.29 -30.76
C ILE B 19 -14.97 17.58 -30.40
N GLU B 20 -15.90 18.02 -31.26
CA GLU B 20 -16.75 19.22 -31.02
C GLU B 20 -17.68 18.93 -29.83
N LYS B 21 -18.34 17.75 -29.83
CA LYS B 21 -19.30 17.35 -28.77
C LYS B 21 -18.59 17.29 -27.42
N MET B 22 -17.35 16.76 -27.40
CA MET B 22 -16.57 16.51 -26.16
C MET B 22 -15.96 17.80 -25.61
N SER B 23 -15.94 18.89 -26.39
CA SER B 23 -15.41 20.22 -25.96
C SER B 23 -16.38 20.86 -24.95
N ASN B 24 -17.61 20.35 -24.90
CA ASN B 24 -18.62 20.64 -23.86
C ASN B 24 -18.24 19.88 -22.59
N TRP B 25 -18.07 20.58 -21.45
CA TRP B 25 -17.88 19.93 -20.12
C TRP B 25 -18.96 18.88 -19.89
N ASN B 26 -20.22 19.18 -20.25
CA ASN B 26 -21.37 18.26 -20.09
C ASN B 26 -21.52 17.41 -21.34
N PHE B 27 -20.44 16.78 -21.77
CA PHE B 27 -20.42 15.94 -23.00
C PHE B 27 -21.54 14.91 -22.85
N PRO B 28 -22.57 14.95 -23.74
CA PRO B 28 -23.70 14.01 -23.68
C PRO B 28 -23.31 12.63 -24.21
N ILE B 29 -22.70 11.84 -23.33
CA ILE B 29 -22.02 10.55 -23.66
C ILE B 29 -23.09 9.51 -23.98
N PHE B 30 -24.22 9.54 -23.27
CA PHE B 30 -25.28 8.51 -23.39
C PHE B 30 -25.88 8.57 -24.78
N GLU B 31 -25.86 9.74 -25.42
CA GLU B 31 -26.26 9.90 -26.84
C GLU B 31 -25.26 9.16 -27.72
N LEU B 32 -23.96 9.37 -27.51
CA LEU B 32 -22.87 8.64 -28.23
C LEU B 32 -23.03 7.13 -28.04
N VAL B 33 -23.31 6.66 -26.82
CA VAL B 33 -23.51 5.22 -26.55
C VAL B 33 -24.68 4.72 -27.39
N GLU B 34 -25.77 5.50 -27.46
CA GLU B 34 -27.00 5.20 -28.22
C GLU B 34 -26.71 5.27 -29.72
N LYS B 35 -25.99 6.31 -30.17
CA LYS B 35 -25.59 6.52 -31.58
C LYS B 35 -24.71 5.35 -32.05
N MET B 36 -23.80 4.84 -31.21
CA MET B 36 -22.95 3.66 -31.53
C MET B 36 -23.80 2.37 -31.52
N GLY B 37 -24.95 2.37 -30.82
CA GLY B 37 -25.79 1.19 -30.58
C GLY B 37 -24.97 -0.09 -30.48
N GLU B 38 -25.06 -0.93 -31.52
CA GLU B 38 -24.43 -2.28 -31.68
C GLU B 38 -22.95 -2.25 -31.30
N ASP B 39 -22.24 -1.17 -31.66
CA ASP B 39 -20.78 -1.04 -31.46
C ASP B 39 -20.50 -0.08 -30.29
N SER B 40 -21.37 -0.05 -29.28
CA SER B 40 -21.21 0.80 -28.07
C SER B 40 -20.12 0.21 -27.18
N GLY B 41 -19.79 -1.07 -27.32
CA GLY B 41 -18.70 -1.72 -26.59
C GLY B 41 -17.33 -1.12 -26.92
N ARG B 42 -17.23 -0.36 -28.00
CA ARG B 42 -15.92 0.16 -28.48
C ARG B 42 -15.79 1.64 -28.11
N ILE B 43 -16.63 2.13 -27.22
CA ILE B 43 -16.69 3.60 -26.95
C ILE B 43 -15.36 4.11 -26.38
N LEU B 44 -14.78 3.39 -25.43
CA LEU B 44 -13.54 3.81 -24.72
C LEU B 44 -12.36 3.84 -25.72
N SER B 45 -12.22 2.82 -26.56
CA SER B 45 -11.12 2.71 -27.56
C SER B 45 -11.21 3.87 -28.54
N GLN B 46 -12.41 4.21 -29.03
CA GLN B 46 -12.63 5.29 -30.02
C GLN B 46 -12.31 6.64 -29.37
N VAL B 47 -12.84 6.91 -28.18
CA VAL B 47 -12.57 8.17 -27.46
C VAL B 47 -11.09 8.27 -27.12
N MET B 48 -10.47 7.19 -26.65
CA MET B 48 -9.01 7.18 -26.32
C MET B 48 -8.23 7.63 -27.55
N TYR B 49 -8.52 7.04 -28.71
CA TYR B 49 -7.85 7.36 -30.01
C TYR B 49 -8.03 8.85 -30.30
N THR B 50 -9.29 9.29 -30.32
CA THR B 50 -9.72 10.69 -30.59
C THR B 50 -8.87 11.67 -29.76
N LEU B 51 -8.70 11.40 -28.47
CA LEU B 51 -8.15 12.38 -27.50
C LEU B 51 -6.63 12.43 -27.61
N PHE B 52 -6.00 11.30 -27.92
CA PHE B 52 -4.53 11.22 -28.13
C PHE B 52 -4.15 11.94 -29.42
N GLN B 53 -5.03 11.87 -30.43
CA GLN B 53 -4.91 12.61 -31.71
C GLN B 53 -5.00 14.11 -31.38
N ASP B 54 -6.07 14.51 -30.68
CA ASP B 54 -6.33 15.92 -30.27
C ASP B 54 -5.16 16.50 -29.50
N THR B 55 -4.57 15.74 -28.59
CA THR B 55 -3.46 16.19 -27.70
C THR B 55 -2.13 16.03 -28.41
N GLY B 56 -2.10 15.20 -29.45
CA GLY B 56 -0.90 14.94 -30.28
C GLY B 56 0.01 13.91 -29.64
N LEU B 57 -0.49 13.17 -28.64
CA LEU B 57 0.31 12.18 -27.86
C LEU B 57 0.80 11.06 -28.78
N LEU B 58 0.07 10.77 -29.86
CA LEU B 58 0.48 9.77 -30.87
C LEU B 58 1.82 10.18 -31.49
N GLU B 59 1.94 11.43 -31.95
CA GLU B 59 3.17 11.88 -32.65
C GLU B 59 4.33 12.03 -31.66
N ILE B 60 4.04 12.52 -30.46
CA ILE B 60 5.08 12.90 -29.45
C ILE B 60 5.81 11.66 -28.96
N PHE B 61 5.12 10.55 -28.77
CA PHE B 61 5.70 9.28 -28.27
C PHE B 61 5.67 8.23 -29.40
N LYS B 62 5.35 8.67 -30.63
CA LYS B 62 5.45 7.85 -31.87
C LYS B 62 4.76 6.50 -31.62
N ILE B 63 3.47 6.59 -31.27
CA ILE B 63 2.62 5.44 -30.89
C ILE B 63 2.01 4.87 -32.16
N PRO B 64 2.35 3.62 -32.52
CA PRO B 64 1.75 2.95 -33.67
C PRO B 64 0.29 2.61 -33.37
N THR B 65 -0.61 3.00 -34.26
CA THR B 65 -2.08 2.90 -34.05
C THR B 65 -2.47 1.44 -33.82
N GLN B 66 -1.89 0.50 -34.56
CA GLN B 66 -2.36 -0.91 -34.52
C GLN B 66 -2.38 -1.39 -33.07
N GLN B 67 -1.26 -1.21 -32.35
CA GLN B 67 -1.06 -1.77 -30.99
C GLN B 67 -1.92 -0.97 -30.02
N PHE B 68 -1.80 0.36 -30.05
CA PHE B 68 -2.68 1.28 -29.31
C PHE B 68 -4.08 0.68 -29.31
N MET B 69 -4.68 0.55 -30.50
CA MET B 69 -6.09 0.09 -30.64
C MET B 69 -6.23 -1.35 -30.13
N ASN B 70 -5.23 -2.20 -30.41
CA ASN B 70 -5.23 -3.59 -29.90
C ASN B 70 -5.45 -3.56 -28.39
N TYR B 71 -4.62 -2.80 -27.66
CA TYR B 71 -4.60 -2.79 -26.17
C TYR B 71 -5.96 -2.30 -25.66
N PHE B 72 -6.31 -1.07 -26.02
CA PHE B 72 -7.51 -0.40 -25.46
C PHE B 72 -8.76 -1.20 -25.82
N ARG B 73 -8.77 -1.89 -26.96
CA ARG B 73 -9.89 -2.79 -27.34
C ARG B 73 -9.99 -3.93 -26.31
N ALA B 74 -8.84 -4.48 -25.92
CA ALA B 74 -8.73 -5.47 -24.83
C ALA B 74 -9.23 -4.83 -23.53
N LEU B 75 -8.66 -3.70 -23.15
CA LEU B 75 -8.95 -2.99 -21.87
C LEU B 75 -10.47 -2.86 -21.74
N GLU B 76 -11.12 -2.21 -22.72
CA GLU B 76 -12.59 -2.08 -22.81
C GLU B 76 -13.28 -3.37 -22.34
N ASN B 77 -12.93 -4.50 -22.94
CA ASN B 77 -13.65 -5.77 -22.74
C ASN B 77 -13.46 -6.24 -21.31
N GLY B 78 -12.39 -5.81 -20.63
CA GLY B 78 -12.14 -6.11 -19.21
C GLY B 78 -13.15 -5.47 -18.28
N TYR B 79 -13.82 -4.40 -18.73
CA TYR B 79 -14.95 -3.75 -18.03
C TYR B 79 -16.19 -4.64 -18.20
N ARG B 80 -16.87 -4.93 -17.09
CA ARG B 80 -18.00 -5.89 -17.06
C ARG B 80 -19.29 -5.18 -17.48
N ASP B 81 -20.36 -5.95 -17.64
CA ASP B 81 -21.70 -5.43 -18.05
C ASP B 81 -22.48 -5.15 -16.77
N ILE B 82 -22.12 -4.07 -16.08
CA ILE B 82 -22.68 -3.75 -14.75
C ILE B 82 -23.14 -2.29 -14.73
N PRO B 83 -24.15 -1.94 -13.91
CA PRO B 83 -24.73 -0.61 -13.90
C PRO B 83 -23.77 0.58 -13.98
N TYR B 84 -22.69 0.60 -13.20
CA TYR B 84 -21.88 1.83 -12.98
C TYR B 84 -20.41 1.67 -13.36
N HIS B 85 -19.68 0.70 -12.79
CA HIS B 85 -18.22 0.53 -13.01
C HIS B 85 -17.93 -0.20 -14.33
N ASN B 86 -18.16 0.46 -15.46
CA ASN B 86 -18.17 -0.12 -16.83
C ASN B 86 -17.35 0.79 -17.77
N ARG B 87 -17.25 0.43 -19.06
CA ARG B 87 -16.48 1.18 -20.11
C ARG B 87 -16.92 2.63 -20.16
N ILE B 88 -18.23 2.86 -19.97
CA ILE B 88 -18.85 4.20 -20.12
C ILE B 88 -18.28 5.11 -19.02
N HIS B 89 -18.35 4.64 -17.77
CA HIS B 89 -17.75 5.35 -16.60
C HIS B 89 -16.29 5.65 -16.94
N ALA B 90 -15.50 4.63 -17.28
CA ALA B 90 -14.08 4.75 -17.64
C ALA B 90 -13.91 5.88 -18.65
N THR B 91 -14.74 5.88 -19.70
CA THR B 91 -14.71 6.88 -20.79
C THR B 91 -15.03 8.26 -20.22
N ASP B 92 -16.07 8.36 -19.38
CA ASP B 92 -16.53 9.65 -18.80
C ASP B 92 -15.35 10.25 -18.02
N VAL B 93 -14.65 9.43 -17.26
CA VAL B 93 -13.57 9.87 -16.34
C VAL B 93 -12.39 10.34 -17.18
N LEU B 94 -12.06 9.55 -18.19
CA LEU B 94 -11.03 9.90 -19.20
C LEU B 94 -11.34 11.28 -19.79
N HIS B 95 -12.58 11.50 -20.20
CA HIS B 95 -13.02 12.81 -20.73
C HIS B 95 -12.74 13.89 -19.68
N ALA B 96 -13.24 13.72 -18.46
CA ALA B 96 -13.15 14.73 -17.38
C ALA B 96 -11.68 15.15 -17.21
N VAL B 97 -10.78 14.19 -17.06
CA VAL B 97 -9.34 14.48 -16.79
C VAL B 97 -8.79 15.27 -17.97
N TRP B 98 -9.12 14.85 -19.18
CA TRP B 98 -8.64 15.51 -20.41
C TRP B 98 -9.12 16.96 -20.41
N TYR B 99 -10.43 17.16 -20.27
CA TYR B 99 -11.05 18.51 -20.23
C TYR B 99 -10.35 19.36 -19.17
N LEU B 100 -10.23 18.85 -17.94
CA LEU B 100 -9.66 19.59 -16.78
C LEU B 100 -8.20 19.99 -17.04
N THR B 101 -7.44 19.16 -17.75
CA THR B 101 -5.99 19.34 -17.97
C THR B 101 -5.71 20.19 -19.20
N THR B 102 -6.66 20.32 -20.13
CA THR B 102 -6.46 21.04 -21.43
C THR B 102 -7.10 22.44 -21.35
N ARG B 103 -8.36 22.55 -20.91
CA ARG B 103 -9.17 23.79 -21.03
C ARG B 103 -8.52 24.93 -20.24
N PRO B 104 -8.89 26.19 -20.55
CA PRO B 104 -8.25 27.36 -19.96
C PRO B 104 -8.71 27.60 -18.52
N VAL B 105 -7.75 27.95 -17.66
CA VAL B 105 -7.91 28.21 -16.21
C VAL B 105 -7.54 29.67 -15.94
N PRO B 106 -8.48 30.49 -15.43
CA PRO B 106 -8.19 31.88 -15.07
C PRO B 106 -7.02 32.03 -14.08
N GLY B 107 -6.03 32.87 -14.40
CA GLY B 107 -5.00 33.33 -13.45
C GLY B 107 -3.91 32.30 -13.20
N LEU B 108 -4.02 31.13 -13.80
CA LEU B 108 -2.93 30.14 -13.79
C LEU B 108 -1.83 30.61 -14.74
N GLN B 109 -0.59 30.60 -14.24
CA GLN B 109 0.64 30.86 -15.03
C GLN B 109 0.83 29.74 -16.05
N GLN B 110 1.26 30.09 -17.26
CA GLN B 110 1.86 29.14 -18.23
C GLN B 110 3.34 29.01 -17.86
N ILE B 111 4.09 28.17 -18.58
CA ILE B 111 5.51 27.81 -18.28
C ILE B 111 6.20 27.36 -19.58
N HIS B 112 5.62 26.42 -20.35
CA HIS B 112 6.27 25.79 -21.54
C HIS B 112 5.33 25.71 -22.76
N ILE B 132 12.02 17.60 -22.88
CA ILE B 132 10.75 17.25 -22.17
C ILE B 132 9.58 17.93 -22.90
N ALA B 133 8.68 17.12 -23.45
CA ALA B 133 7.53 17.55 -24.29
C ALA B 133 6.36 17.97 -23.40
N TYR B 134 5.48 18.78 -23.97
CA TYR B 134 4.21 19.26 -23.38
C TYR B 134 3.15 19.22 -24.47
N ILE B 135 1.88 19.08 -24.12
CA ILE B 135 0.79 18.92 -25.12
C ILE B 135 -0.02 20.22 -25.19
N SER B 136 -0.73 20.36 -26.29
CA SER B 136 -1.81 21.36 -26.49
C SER B 136 -2.98 20.64 -27.14
N SER B 137 -4.20 20.89 -26.68
CA SER B 137 -5.43 20.42 -27.35
C SER B 137 -5.60 21.21 -28.65
N LYS B 138 -5.46 20.55 -29.80
CA LYS B 138 -5.81 21.10 -31.13
C LYS B 138 -7.19 21.77 -31.04
N SER B 139 -8.07 21.32 -30.14
CA SER B 139 -9.47 21.80 -29.98
C SER B 139 -9.57 22.95 -28.97
N CYS B 140 -8.53 23.79 -28.84
CA CYS B 140 -8.60 25.19 -28.32
C CYS B 140 -7.20 25.69 -27.91
N SER B 141 -6.94 26.99 -28.11
CA SER B 141 -5.78 27.73 -27.53
C SER B 141 -6.29 28.65 -26.41
N ASN B 142 -5.45 28.87 -25.38
CA ASN B 142 -5.73 29.75 -24.21
C ASN B 142 -6.12 31.13 -24.75
N PRO B 143 -7.39 31.58 -24.59
CA PRO B 143 -7.82 32.89 -25.08
C PRO B 143 -6.75 34.00 -25.08
N ASP B 144 -5.95 34.10 -24.02
CA ASP B 144 -4.91 35.15 -23.85
C ASP B 144 -3.88 34.71 -22.81
N GLU B 145 -3.11 35.68 -22.28
CA GLU B 145 -1.98 35.44 -21.34
C GLU B 145 -2.48 35.47 -19.89
N SER B 146 -3.72 35.91 -19.64
CA SER B 146 -4.36 35.91 -18.29
C SER B 146 -4.93 34.50 -17.97
N TYR B 147 -4.90 33.61 -18.97
CA TYR B 147 -5.34 32.21 -18.89
C TYR B 147 -4.13 31.29 -19.01
N GLY B 148 -4.15 30.19 -18.25
CA GLY B 148 -3.21 29.06 -18.36
C GLY B 148 -3.95 27.73 -18.52
N CYS B 149 -3.23 26.73 -19.01
CA CYS B 149 -3.66 25.31 -19.07
C CYS B 149 -2.73 24.50 -18.19
N LEU B 150 -3.21 23.41 -17.62
CA LEU B 150 -2.38 22.39 -16.94
C LEU B 150 -1.42 21.78 -17.95
N SER B 151 -1.89 21.58 -19.18
CA SER B 151 -1.10 21.07 -20.34
C SER B 151 0.20 21.86 -20.49
N SER B 152 0.22 23.14 -20.12
CA SER B 152 1.40 24.04 -20.17
C SER B 152 2.36 23.77 -18.99
N ASN B 153 1.88 23.19 -17.89
CA ASN B 153 2.64 23.10 -16.61
C ASN B 153 2.97 21.64 -16.24
N ILE B 154 2.26 20.66 -16.78
CA ILE B 154 2.54 19.23 -16.50
C ILE B 154 3.07 18.59 -17.78
N PRO B 155 4.26 17.95 -17.72
CA PRO B 155 4.85 17.27 -18.87
C PRO B 155 3.91 16.27 -19.55
N ALA B 156 4.01 16.13 -20.88
CA ALA B 156 3.17 15.23 -21.70
C ALA B 156 3.24 13.79 -21.13
N LEU B 157 4.42 13.35 -20.74
CA LEU B 157 4.59 11.98 -20.19
C LEU B 157 3.61 11.80 -19.01
N GLU B 158 3.50 12.80 -18.16
CA GLU B 158 2.73 12.70 -16.90
C GLU B 158 1.23 12.76 -17.23
N LEU B 159 0.82 13.63 -18.15
CA LEU B 159 -0.60 13.76 -18.54
C LEU B 159 -1.06 12.50 -19.26
N MET B 160 -0.20 11.86 -20.04
CA MET B 160 -0.54 10.58 -20.71
C MET B 160 -0.84 9.53 -19.62
N ALA B 161 0.03 9.42 -18.62
CA ALA B 161 -0.16 8.50 -17.49
C ALA B 161 -1.58 8.70 -16.96
N LEU B 162 -1.92 9.95 -16.66
CA LEU B 162 -3.23 10.30 -16.07
C LEU B 162 -4.35 9.75 -16.97
N TYR B 163 -4.27 10.00 -18.27
CA TYR B 163 -5.32 9.61 -19.24
C TYR B 163 -5.40 8.08 -19.30
N VAL B 164 -4.24 7.43 -19.39
CA VAL B 164 -4.17 5.95 -19.47
C VAL B 164 -4.72 5.38 -18.16
N ALA B 165 -4.35 6.00 -17.04
CA ALA B 165 -4.82 5.63 -15.69
C ALA B 165 -6.36 5.69 -15.66
N ALA B 166 -6.95 6.75 -16.19
CA ALA B 166 -8.42 6.96 -16.27
C ALA B 166 -9.07 5.77 -16.97
N ALA B 167 -8.49 5.36 -18.10
CA ALA B 167 -8.94 4.22 -18.93
C ALA B 167 -8.93 2.94 -18.08
N MET B 168 -7.91 2.72 -17.27
CA MET B 168 -7.70 1.44 -16.54
C MET B 168 -8.45 1.44 -15.21
N HIS B 169 -8.81 2.61 -14.69
CA HIS B 169 -8.90 2.85 -13.22
C HIS B 169 -9.93 1.91 -12.56
N ASP B 170 -10.86 1.33 -13.32
CA ASP B 170 -11.95 0.45 -12.77
C ASP B 170 -12.01 -0.88 -13.54
N TYR B 171 -10.93 -1.24 -14.21
CA TYR B 171 -10.84 -2.45 -15.08
C TYR B 171 -11.17 -3.69 -14.25
N ASP B 172 -12.09 -4.51 -14.75
CA ASP B 172 -12.54 -5.80 -14.16
C ASP B 172 -13.13 -5.58 -12.78
N HIS B 173 -13.86 -4.49 -12.58
CA HIS B 173 -14.60 -4.17 -11.33
C HIS B 173 -15.77 -5.14 -11.24
N PRO B 174 -15.91 -5.89 -10.14
CA PRO B 174 -16.98 -6.87 -9.99
C PRO B 174 -18.30 -6.35 -9.39
N GLY B 175 -18.44 -5.02 -9.27
CA GLY B 175 -19.68 -4.36 -8.83
C GLY B 175 -19.92 -4.49 -7.34
N ARG B 176 -18.87 -4.83 -6.58
CA ARG B 176 -18.91 -4.86 -5.09
C ARG B 176 -17.92 -3.83 -4.55
N THR B 177 -18.15 -3.38 -3.31
CA THR B 177 -17.27 -2.43 -2.57
C THR B 177 -16.11 -3.19 -1.95
N ASN B 178 -15.03 -2.49 -1.58
CA ASN B 178 -13.91 -3.07 -0.79
C ASN B 178 -14.49 -3.67 0.49
N GLU B 179 -15.34 -2.93 1.21
CA GLU B 179 -15.89 -3.36 2.52
C GLU B 179 -16.52 -4.75 2.36
N PHE B 180 -17.31 -4.92 1.30
CA PHE B 180 -17.98 -6.21 1.00
C PHE B 180 -16.94 -7.32 0.84
N LEU B 181 -15.95 -7.10 -0.03
CA LEU B 181 -14.89 -8.11 -0.33
C LEU B 181 -14.13 -8.48 0.95
N VAL B 182 -13.88 -7.50 1.82
CA VAL B 182 -13.10 -7.69 3.07
C VAL B 182 -13.96 -8.51 4.05
N ALA B 183 -15.16 -7.99 4.31
CA ALA B 183 -16.21 -8.65 5.12
C ALA B 183 -16.29 -10.13 4.76
N THR B 184 -16.35 -10.48 3.46
CA THR B 184 -16.58 -11.86 2.98
C THR B 184 -15.26 -12.64 2.78
N ASN B 185 -14.11 -12.09 3.19
CA ASN B 185 -12.76 -12.67 2.94
C ASN B 185 -12.63 -13.17 1.48
N ALA B 186 -13.15 -12.41 0.52
CA ALA B 186 -13.05 -12.71 -0.93
C ALA B 186 -11.60 -12.98 -1.30
N PRO B 187 -11.30 -13.79 -2.33
CA PRO B 187 -9.91 -14.12 -2.66
C PRO B 187 -9.05 -12.86 -2.89
N GLN B 188 -9.58 -11.91 -3.66
CA GLN B 188 -8.93 -10.61 -3.97
C GLN B 188 -8.53 -9.93 -2.66
N ALA B 189 -9.45 -9.89 -1.68
CA ALA B 189 -9.28 -9.15 -0.40
C ALA B 189 -8.11 -9.76 0.36
N VAL B 190 -8.04 -11.07 0.39
CA VAL B 190 -6.92 -11.83 1.00
C VAL B 190 -5.65 -11.51 0.23
N LEU B 191 -5.72 -11.61 -1.10
CA LEU B 191 -4.56 -11.38 -1.99
C LEU B 191 -3.90 -10.04 -1.67
N TYR B 192 -4.69 -9.00 -1.39
CA TYR B 192 -4.21 -7.60 -1.24
C TYR B 192 -4.30 -7.17 0.23
N ASN B 193 -4.46 -8.11 1.15
CA ASN B 193 -4.33 -7.84 2.61
C ASN B 193 -5.24 -6.67 2.97
N ASP B 194 -6.39 -6.61 2.32
CA ASP B 194 -7.53 -5.70 2.63
C ASP B 194 -7.21 -4.24 2.31
N ARG B 195 -6.02 -3.92 1.78
CA ARG B 195 -5.64 -2.53 1.47
C ARG B 195 -5.96 -2.22 0.00
N SER B 196 -6.82 -1.24 -0.24
CA SER B 196 -7.13 -0.75 -1.60
C SER B 196 -7.32 -1.94 -2.55
N VAL B 197 -8.20 -2.87 -2.17
CA VAL B 197 -8.30 -4.21 -2.84
C VAL B 197 -8.64 -4.01 -4.32
N LEU B 198 -9.77 -3.39 -4.61
CA LEU B 198 -10.22 -3.20 -6.01
C LEU B 198 -9.17 -2.40 -6.77
N GLU B 199 -8.68 -1.31 -6.20
CA GLU B 199 -7.83 -0.32 -6.90
C GLU B 199 -6.51 -1.02 -7.29
N ASN B 200 -5.95 -1.88 -6.43
CA ASN B 200 -4.73 -2.67 -6.72
C ASN B 200 -5.02 -3.62 -7.88
N HIS B 201 -6.20 -4.27 -7.85
CA HIS B 201 -6.61 -5.27 -8.87
C HIS B 201 -6.80 -4.58 -10.23
N HIS B 202 -7.44 -3.41 -10.25
CA HIS B 202 -7.65 -2.62 -11.47
C HIS B 202 -6.27 -2.44 -12.13
N ALA B 203 -5.30 -1.91 -11.39
CA ALA B 203 -3.95 -1.58 -11.91
C ALA B 203 -3.19 -2.87 -12.26
N ALA B 204 -3.29 -3.89 -11.42
CA ALA B 204 -2.46 -5.10 -11.56
C ALA B 204 -2.89 -5.87 -12.82
N SER B 205 -4.19 -6.06 -13.01
CA SER B 205 -4.74 -6.90 -14.12
C SER B 205 -4.70 -6.11 -15.43
N ALA B 206 -4.80 -4.79 -15.35
CA ALA B 206 -4.63 -3.87 -16.52
C ALA B 206 -3.23 -4.01 -17.08
N TRP B 207 -2.21 -3.91 -16.23
CA TRP B 207 -0.80 -3.96 -16.63
C TRP B 207 -0.45 -5.38 -17.09
N ASN B 208 -0.96 -6.35 -16.34
CA ASN B 208 -0.82 -7.78 -16.67
C ASN B 208 -1.29 -8.01 -18.11
N LEU B 209 -2.41 -7.40 -18.48
CA LEU B 209 -2.96 -7.46 -19.84
C LEU B 209 -1.95 -6.84 -20.80
N TYR B 210 -1.48 -5.62 -20.51
CA TYR B 210 -0.60 -4.86 -21.42
C TYR B 210 0.65 -5.69 -21.75
N LEU B 211 1.18 -6.38 -20.75
CA LEU B 211 2.43 -7.17 -20.87
C LEU B 211 2.13 -8.57 -21.42
N SER B 212 0.86 -8.96 -21.53
CA SER B 212 0.44 -10.35 -21.88
C SER B 212 0.61 -10.63 -23.39
N ARG B 213 1.06 -9.69 -24.22
CA ARG B 213 1.38 -9.96 -25.65
C ARG B 213 1.97 -8.73 -26.35
N PRO B 214 2.88 -8.93 -27.33
CA PRO B 214 3.65 -7.83 -27.92
C PRO B 214 2.83 -6.92 -28.85
N GLU B 215 1.69 -7.41 -29.34
CA GLU B 215 0.76 -6.65 -30.23
C GLU B 215 0.04 -5.60 -29.39
N TYR B 216 0.39 -5.46 -28.11
CA TYR B 216 -0.18 -4.46 -27.16
C TYR B 216 0.82 -3.38 -26.79
N ASN B 217 2.12 -3.62 -27.00
CA ASN B 217 3.21 -2.74 -26.52
C ASN B 217 3.29 -1.47 -27.36
N PHE B 218 2.31 -0.57 -27.22
CA PHE B 218 2.21 0.69 -27.99
C PHE B 218 3.21 1.73 -27.46
N LEU B 219 3.86 1.45 -26.33
CA LEU B 219 4.86 2.36 -25.70
C LEU B 219 6.27 1.93 -26.09
N LEU B 220 6.39 1.12 -27.14
CA LEU B 220 7.66 0.46 -27.56
C LEU B 220 8.76 1.50 -27.76
N HIS B 221 8.42 2.78 -28.02
CA HIS B 221 9.40 3.86 -28.28
C HIS B 221 9.75 4.65 -27.02
N LEU B 222 9.22 4.32 -25.85
CA LEU B 222 9.77 4.84 -24.56
C LEU B 222 10.94 3.96 -24.12
N ASP B 223 11.98 4.55 -23.54
CA ASP B 223 13.14 3.79 -23.00
C ASP B 223 12.78 3.27 -21.61
N HIS B 224 13.59 2.32 -21.12
CA HIS B 224 13.47 1.66 -19.81
C HIS B 224 12.99 2.68 -18.77
N VAL B 225 13.72 3.77 -18.59
CA VAL B 225 13.45 4.75 -17.49
C VAL B 225 12.11 5.43 -17.74
N GLU B 226 11.88 5.99 -18.93
CA GLU B 226 10.58 6.64 -19.29
C GLU B 226 9.42 5.69 -18.96
N PHE B 227 9.53 4.42 -19.35
CA PHE B 227 8.46 3.40 -19.19
C PHE B 227 8.25 3.12 -17.69
N GLU B 228 9.31 2.68 -17.00
CA GLU B 228 9.29 2.50 -15.52
C GLU B 228 8.49 3.65 -14.91
N ARG B 229 8.86 4.91 -15.23
CA ARG B 229 8.27 6.11 -14.61
C ARG B 229 6.79 6.20 -14.97
N PHE B 230 6.49 6.10 -16.27
CA PHE B 230 5.11 6.11 -16.79
C PHE B 230 4.24 5.17 -15.95
N ARG B 231 4.65 3.91 -15.86
CA ARG B 231 3.97 2.84 -15.06
C ARG B 231 3.75 3.32 -13.63
N PHE B 232 4.80 3.81 -12.96
CA PHE B 232 4.72 4.35 -11.57
C PHE B 232 3.55 5.33 -11.49
N LEU B 233 3.57 6.32 -12.38
CA LEU B 233 2.62 7.46 -12.41
C LEU B 233 1.19 6.97 -12.61
N VAL B 234 1.03 6.01 -13.51
CA VAL B 234 -0.29 5.36 -13.80
C VAL B 234 -0.80 4.70 -12.51
N ILE B 235 0.03 3.89 -11.88
CA ILE B 235 -0.40 3.12 -10.68
C ILE B 235 -0.81 4.12 -9.59
N GLU B 236 0.05 5.08 -9.27
CA GLU B 236 -0.20 6.12 -8.22
C GLU B 236 -1.54 6.79 -8.48
N ALA B 237 -1.85 7.06 -9.76
CA ALA B 237 -3.11 7.70 -10.22
C ALA B 237 -4.30 6.79 -9.92
N ILE B 238 -4.21 5.52 -10.30
CA ILE B 238 -5.29 4.52 -10.09
C ILE B 238 -5.54 4.36 -8.58
N LEU B 239 -4.47 4.20 -7.80
CA LEU B 239 -4.54 3.90 -6.34
C LEU B 239 -5.16 5.07 -5.57
N ALA B 240 -5.08 6.27 -6.13
CA ALA B 240 -5.63 7.50 -5.54
C ALA B 240 -7.16 7.48 -5.60
N THR B 241 -7.76 6.59 -6.40
CA THR B 241 -9.24 6.59 -6.64
C THR B 241 -9.98 5.90 -5.50
N ASP B 242 -9.27 5.20 -4.60
CA ASP B 242 -9.83 4.61 -3.35
C ASP B 242 -10.33 5.75 -2.46
N LEU B 243 -11.61 5.72 -2.08
CA LEU B 243 -12.24 6.83 -1.32
C LEU B 243 -11.91 6.68 0.16
N LYS B 244 -11.41 5.53 0.62
CA LYS B 244 -10.95 5.38 2.04
C LYS B 244 -9.78 6.33 2.23
N LYS B 245 -9.03 6.67 1.18
CA LYS B 245 -7.86 7.57 1.27
C LYS B 245 -8.29 9.01 1.00
N HIS B 246 -9.60 9.26 0.92
CA HIS B 246 -10.15 10.53 0.39
C HIS B 246 -9.67 11.69 1.24
N PHE B 247 -9.89 11.62 2.55
CA PHE B 247 -9.63 12.77 3.45
C PHE B 247 -8.12 12.93 3.65
N ASP B 248 -7.35 11.84 3.58
CA ASP B 248 -5.86 11.89 3.56
C ASP B 248 -5.37 12.69 2.37
N PHE B 249 -5.76 12.31 1.13
CA PHE B 249 -5.40 13.04 -0.12
C PHE B 249 -5.83 14.50 0.03
N LEU B 250 -7.04 14.73 0.55
CA LEU B 250 -7.63 16.08 0.63
C LEU B 250 -6.80 16.96 1.58
N ALA B 251 -6.45 16.47 2.76
CA ALA B 251 -5.53 17.12 3.73
C ALA B 251 -4.24 17.49 3.02
N GLU B 252 -3.53 16.49 2.51
CA GLU B 252 -2.18 16.67 1.92
C GLU B 252 -2.25 17.80 0.89
N PHE B 253 -3.34 17.86 0.12
CA PHE B 253 -3.52 18.82 -1.01
C PHE B 253 -3.76 20.23 -0.49
N ASN B 254 -4.57 20.40 0.54
CA ASN B 254 -4.87 21.74 1.09
C ASN B 254 -3.61 22.32 1.73
N ALA B 255 -2.83 21.48 2.41
CA ALA B 255 -1.53 21.85 3.01
C ALA B 255 -0.65 22.53 1.96
N LYS B 256 -0.44 21.86 0.82
CA LYS B 256 0.46 22.33 -0.27
C LYS B 256 -0.23 23.47 -1.01
N ALA B 257 -1.41 23.21 -1.57
CA ALA B 257 -2.07 24.14 -2.52
C ALA B 257 -2.69 25.32 -1.77
N ASN B 258 -3.43 25.06 -0.70
CA ASN B 258 -4.38 26.05 -0.11
C ASN B 258 -3.91 26.53 1.26
N ASP B 259 -2.60 26.51 1.50
CA ASP B 259 -2.00 27.26 2.62
C ASP B 259 -1.93 28.73 2.19
N VAL B 260 -2.33 29.64 3.08
CA VAL B 260 -2.47 31.09 2.78
C VAL B 260 -1.08 31.74 2.89
N ASN B 261 -0.20 31.18 3.72
CA ASN B 261 1.19 31.65 3.93
C ASN B 261 2.19 30.96 3.00
N SER B 262 1.80 29.85 2.35
CA SER B 262 2.60 29.17 1.30
C SER B 262 2.16 29.70 -0.06
N ASN B 263 2.83 29.27 -1.13
CA ASN B 263 2.63 29.79 -2.51
C ASN B 263 1.81 28.81 -3.34
N GLY B 264 1.24 27.76 -2.74
CA GLY B 264 0.60 26.66 -3.50
C GLY B 264 1.62 25.78 -4.21
N ILE B 265 1.40 25.50 -5.51
CA ILE B 265 2.00 24.36 -6.23
C ILE B 265 3.30 24.79 -6.92
N GLU B 266 4.42 24.19 -6.53
CA GLU B 266 5.69 24.31 -7.27
C GLU B 266 5.62 23.38 -8.50
N TRP B 267 5.26 23.92 -9.66
CA TRP B 267 5.04 23.14 -10.91
C TRP B 267 6.32 22.37 -11.31
N SER B 268 7.49 22.82 -10.87
CA SER B 268 8.83 22.23 -11.18
C SER B 268 9.05 20.94 -10.37
N ASN B 269 8.29 20.78 -9.28
CA ASN B 269 8.42 19.67 -8.31
C ASN B 269 7.60 18.45 -8.78
N GLU B 270 8.24 17.28 -8.81
CA GLU B 270 7.67 15.98 -9.26
C GLU B 270 6.44 15.62 -8.42
N ASN B 271 6.59 15.67 -7.10
CA ASN B 271 5.55 15.23 -6.13
C ASN B 271 4.35 16.18 -6.17
N ASP B 272 4.59 17.48 -6.25
CA ASP B 272 3.53 18.50 -6.38
C ASP B 272 2.73 18.23 -7.67
N ARG B 273 3.38 17.84 -8.77
CA ARG B 273 2.68 17.60 -10.06
C ARG B 273 1.82 16.33 -9.97
N LEU B 274 2.39 15.25 -9.44
CA LEU B 274 1.68 13.96 -9.24
C LEU B 274 0.43 14.22 -8.40
N LEU B 275 0.59 14.91 -7.26
CA LEU B 275 -0.51 15.19 -6.30
C LEU B 275 -1.64 15.92 -7.02
N VAL B 276 -1.30 16.85 -7.90
CA VAL B 276 -2.31 17.61 -8.69
C VAL B 276 -3.09 16.61 -9.55
N CYS B 277 -2.40 15.69 -10.21
CA CYS B 277 -3.04 14.69 -11.11
C CYS B 277 -3.91 13.76 -10.27
N GLN B 278 -3.41 13.33 -9.12
CA GLN B 278 -4.15 12.42 -8.22
C GLN B 278 -5.49 13.07 -7.88
N VAL B 279 -5.46 14.32 -7.44
CA VAL B 279 -6.69 15.08 -7.09
C VAL B 279 -7.55 15.25 -8.34
N CYS B 280 -6.92 15.44 -9.50
CA CYS B 280 -7.64 15.65 -10.77
C CYS B 280 -8.49 14.42 -11.05
N ILE B 281 -7.88 13.24 -11.09
CA ILE B 281 -8.61 11.99 -11.44
C ILE B 281 -9.65 11.71 -10.32
N LYS B 282 -9.26 11.98 -9.07
CA LYS B 282 -10.16 11.76 -7.91
C LYS B 282 -11.46 12.48 -8.22
N LEU B 283 -11.35 13.71 -8.73
CA LEU B 283 -12.49 14.61 -9.00
C LEU B 283 -13.21 14.12 -10.25
N ALA B 284 -12.46 13.71 -11.25
CA ALA B 284 -13.00 13.15 -12.50
C ALA B 284 -13.87 11.93 -12.19
N ASP B 285 -13.43 11.08 -11.25
CA ASP B 285 -14.07 9.78 -10.89
C ASP B 285 -15.44 10.03 -10.28
N ILE B 286 -15.74 11.22 -9.77
CA ILE B 286 -17.00 11.55 -9.04
C ILE B 286 -17.59 12.88 -9.56
N ASN B 287 -17.59 13.10 -10.89
CA ASN B 287 -17.90 14.41 -11.52
C ASN B 287 -19.40 14.71 -11.43
N GLY B 288 -20.24 13.69 -11.40
CA GLY B 288 -21.70 13.77 -11.65
C GLY B 288 -22.38 14.97 -11.03
N PRO B 289 -22.32 15.17 -9.70
CA PRO B 289 -22.91 16.35 -9.07
C PRO B 289 -22.41 17.72 -9.58
N ALA B 290 -21.26 17.76 -10.26
CA ALA B 290 -20.70 18.99 -10.86
C ALA B 290 -21.07 19.06 -12.35
N LYS B 291 -22.04 18.27 -12.78
CA LYS B 291 -22.57 18.27 -14.18
C LYS B 291 -24.05 18.68 -14.15
N VAL B 292 -24.59 19.00 -15.33
CA VAL B 292 -26.05 19.20 -15.55
C VAL B 292 -26.81 18.02 -14.93
N ARG B 293 -27.97 18.34 -14.35
CA ARG B 293 -28.89 17.39 -13.68
C ARG B 293 -29.07 16.14 -14.54
N ASP B 294 -29.33 16.31 -15.84
CA ASP B 294 -29.57 15.20 -16.80
C ASP B 294 -28.52 14.11 -16.58
N LEU B 295 -27.24 14.50 -16.55
CA LEU B 295 -26.09 13.56 -16.48
C LEU B 295 -25.90 13.05 -15.05
N HIS B 296 -25.91 13.96 -14.09
CA HIS B 296 -25.82 13.66 -12.63
C HIS B 296 -26.76 12.49 -12.28
N LEU B 297 -28.01 12.58 -12.75
CA LEU B 297 -29.10 11.66 -12.38
C LEU B 297 -28.90 10.32 -13.09
N LYS B 298 -28.43 10.34 -14.33
CA LYS B 298 -28.18 9.09 -15.08
C LYS B 298 -27.11 8.30 -14.33
N TRP B 299 -26.08 8.98 -13.85
CA TRP B 299 -24.93 8.34 -13.17
C TRP B 299 -25.38 7.78 -11.83
N THR B 300 -26.15 8.58 -11.07
CA THR B 300 -26.82 8.19 -9.81
C THR B 300 -27.59 6.89 -10.03
N GLU B 301 -28.44 6.86 -11.06
CA GLU B 301 -29.30 5.70 -11.40
C GLU B 301 -28.39 4.47 -11.44
N GLY B 302 -27.29 4.56 -12.19
CA GLY B 302 -26.29 3.48 -12.36
C GLY B 302 -25.75 2.97 -11.03
N ILE B 303 -25.21 3.85 -10.19
CA ILE B 303 -24.48 3.45 -8.96
C ILE B 303 -25.44 2.79 -7.96
N VAL B 304 -26.66 3.31 -7.79
CA VAL B 304 -27.64 2.72 -6.83
C VAL B 304 -28.04 1.34 -7.33
N ASN B 305 -28.21 1.18 -8.64
CA ASN B 305 -28.57 -0.13 -9.23
C ASN B 305 -27.47 -1.11 -8.89
N GLU B 306 -26.22 -0.66 -8.90
CA GLU B 306 -25.06 -1.50 -8.51
C GLU B 306 -25.10 -1.76 -7.01
N PHE B 307 -25.43 -0.75 -6.22
CA PHE B 307 -25.57 -0.82 -4.74
C PHE B 307 -26.60 -1.89 -4.37
N TYR B 308 -27.76 -1.88 -5.04
CA TYR B 308 -28.93 -2.71 -4.69
C TYR B 308 -28.60 -4.18 -5.01
N GLU B 309 -27.89 -4.43 -6.10
CA GLU B 309 -27.42 -5.79 -6.46
C GLU B 309 -26.56 -6.34 -5.32
N GLN B 310 -25.73 -5.48 -4.72
CA GLN B 310 -24.82 -5.87 -3.60
C GLN B 310 -25.66 -6.14 -2.35
N GLY B 311 -26.63 -5.27 -2.06
CA GLY B 311 -27.56 -5.44 -0.92
C GLY B 311 -28.31 -6.76 -1.04
N ASP B 312 -28.82 -7.03 -2.24
CA ASP B 312 -29.50 -8.29 -2.62
C ASP B 312 -28.61 -9.45 -2.15
N GLU B 313 -27.31 -9.40 -2.45
CA GLU B 313 -26.35 -10.51 -2.15
C GLU B 313 -26.06 -10.54 -0.65
N GLU B 314 -25.79 -9.37 -0.06
CA GLU B 314 -25.60 -9.23 1.41
C GLU B 314 -26.75 -9.92 2.13
N ALA B 315 -27.99 -9.56 1.77
CA ALA B 315 -29.23 -10.13 2.34
C ALA B 315 -29.20 -11.66 2.24
N ASN B 316 -28.79 -12.19 1.09
CA ASN B 316 -28.80 -13.65 0.80
C ASN B 316 -27.78 -14.37 1.67
N LEU B 317 -26.65 -13.74 1.97
CA LEU B 317 -25.56 -14.35 2.77
C LEU B 317 -25.78 -14.06 4.25
N GLY B 318 -26.89 -13.41 4.59
CA GLY B 318 -27.19 -12.97 5.96
C GLY B 318 -26.13 -12.03 6.49
N LEU B 319 -25.75 -11.01 5.70
CA LEU B 319 -24.86 -9.92 6.16
C LEU B 319 -25.68 -8.66 6.34
N PRO B 320 -25.28 -7.79 7.29
CA PRO B 320 -25.93 -6.49 7.47
C PRO B 320 -25.80 -5.71 6.16
N ILE B 321 -26.95 -5.26 5.64
CA ILE B 321 -27.04 -4.53 4.36
C ILE B 321 -26.38 -3.15 4.53
N SER B 322 -25.35 -2.86 3.72
CA SER B 322 -24.58 -1.59 3.76
C SER B 322 -25.51 -0.41 3.62
N PRO B 323 -25.14 0.76 4.16
CA PRO B 323 -25.96 1.97 4.02
C PRO B 323 -26.33 2.22 2.54
N PHE B 324 -27.59 2.58 2.33
CA PHE B 324 -28.14 3.03 1.02
C PHE B 324 -28.08 1.92 -0.02
N MET B 325 -28.05 0.67 0.41
CA MET B 325 -27.98 -0.48 -0.53
C MET B 325 -29.22 -1.38 -0.38
N ASP B 326 -30.18 -0.98 0.47
CA ASP B 326 -31.43 -1.75 0.71
C ASP B 326 -32.48 -1.25 -0.27
N ARG B 327 -32.72 -1.96 -1.37
CA ARG B 327 -33.62 -1.47 -2.44
C ARG B 327 -34.98 -1.14 -1.82
N SER B 328 -35.42 -1.91 -0.82
CA SER B 328 -36.71 -1.71 -0.10
C SER B 328 -36.59 -0.57 0.93
N ASP B 329 -35.79 0.46 0.65
CA ASP B 329 -35.54 1.65 1.53
C ASP B 329 -34.42 2.51 0.95
N PRO B 330 -34.66 3.24 -0.17
CA PRO B 330 -33.59 3.96 -0.86
C PRO B 330 -32.85 4.99 0.01
N GLN B 331 -33.61 5.87 0.68
CA GLN B 331 -33.06 7.13 1.26
C GLN B 331 -32.16 7.76 0.20
N LEU B 332 -32.70 8.00 -0.99
CA LEU B 332 -31.98 8.54 -2.16
C LEU B 332 -31.54 10.00 -1.90
N ALA B 333 -32.38 10.83 -1.28
CA ALA B 333 -32.03 12.24 -0.97
C ALA B 333 -30.86 12.27 0.03
N LYS B 334 -30.94 11.46 1.08
CA LYS B 334 -29.92 11.39 2.16
C LYS B 334 -28.57 10.97 1.55
N LEU B 335 -28.59 9.99 0.65
CA LEU B 335 -27.38 9.51 -0.05
C LEU B 335 -26.78 10.65 -0.86
N GLN B 336 -27.57 11.27 -1.74
CA GLN B 336 -27.09 12.35 -2.65
C GLN B 336 -26.52 13.48 -1.80
N GLU B 337 -27.26 13.93 -0.81
CA GLU B 337 -26.84 15.11 -0.02
C GLU B 337 -25.54 14.74 0.71
N SER B 338 -25.55 13.65 1.47
CA SER B 338 -24.37 13.14 2.21
C SER B 338 -23.14 13.11 1.29
N PHE B 339 -23.26 12.47 0.12
CA PHE B 339 -22.16 12.28 -0.87
C PHE B 339 -21.64 13.63 -1.37
N ILE B 340 -22.53 14.55 -1.72
CA ILE B 340 -22.13 15.91 -2.18
C ILE B 340 -21.43 16.65 -1.05
N THR B 341 -21.95 16.55 0.17
CA THR B 341 -21.48 17.30 1.35
C THR B 341 -20.13 16.76 1.82
N HIS B 342 -20.00 15.45 1.99
CA HIS B 342 -18.85 14.84 2.70
C HIS B 342 -17.70 14.51 1.72
N ILE B 343 -18.00 14.27 0.44
CA ILE B 343 -17.02 13.71 -0.54
C ILE B 343 -16.72 14.73 -1.65
N VAL B 344 -17.74 15.09 -2.43
CA VAL B 344 -17.58 15.87 -3.69
C VAL B 344 -17.32 17.34 -3.34
N GLY B 345 -18.15 17.90 -2.45
CA GLY B 345 -18.13 19.32 -2.07
C GLY B 345 -16.72 19.74 -1.70
N PRO B 346 -16.13 19.13 -0.64
CA PRO B 346 -14.84 19.55 -0.11
C PRO B 346 -13.72 19.42 -1.14
N LEU B 347 -13.77 18.36 -1.95
CA LEU B 347 -12.80 18.14 -3.04
C LEU B 347 -12.82 19.33 -4.01
N CYS B 348 -14.01 19.66 -4.55
CA CYS B 348 -14.14 20.70 -5.59
C CYS B 348 -13.70 22.06 -5.03
N ASN B 349 -14.00 22.31 -3.76
CA ASN B 349 -13.67 23.60 -3.09
C ASN B 349 -12.16 23.69 -2.96
N SER B 350 -11.48 22.59 -2.61
CA SER B 350 -10.00 22.55 -2.53
C SER B 350 -9.42 22.87 -3.90
N TYR B 351 -9.87 22.16 -4.94
CA TYR B 351 -9.39 22.34 -6.33
C TYR B 351 -9.66 23.79 -6.76
N ASP B 352 -10.82 24.32 -6.40
CA ASP B 352 -11.29 25.67 -6.81
C ASP B 352 -10.49 26.74 -6.07
N ALA B 353 -10.28 26.57 -4.77
CA ALA B 353 -9.49 27.47 -3.90
C ALA B 353 -8.06 27.55 -4.45
N ALA B 354 -7.52 26.43 -4.92
CA ALA B 354 -6.16 26.33 -5.48
C ALA B 354 -6.11 26.94 -6.89
N GLY B 355 -7.24 27.43 -7.40
CA GLY B 355 -7.33 28.12 -8.70
C GLY B 355 -6.95 27.23 -9.88
N LEU B 356 -7.35 25.94 -9.87
CA LEU B 356 -6.99 24.96 -10.92
C LEU B 356 -8.21 24.57 -11.77
N LEU B 357 -9.39 25.13 -11.51
CA LEU B 357 -10.61 24.75 -12.26
C LEU B 357 -10.74 25.61 -13.51
N PRO B 358 -11.00 25.02 -14.69
CA PRO B 358 -11.30 25.82 -15.87
C PRO B 358 -12.57 26.64 -15.62
N GLY B 359 -12.52 27.91 -16.05
CA GLY B 359 -13.58 28.91 -15.83
C GLY B 359 -13.36 30.07 -16.77
N GLN B 360 -14.01 31.22 -16.52
CA GLN B 360 -13.79 32.47 -17.28
C GLN B 360 -13.99 33.67 -16.35
N TRP B 361 -13.34 34.78 -16.70
CA TRP B 361 -13.32 36.06 -15.97
C TRP B 361 -14.66 36.79 -16.11
N LEU B 362 -14.93 37.74 -15.20
CA LEU B 362 -16.08 38.68 -15.26
C LEU B 362 -15.58 40.14 -15.13
N ARG B 404 -14.44 38.98 -10.85
CA ARG B 404 -14.90 37.66 -10.35
C ARG B 404 -14.60 36.61 -11.43
N ILE B 405 -14.83 35.31 -11.11
CA ILE B 405 -14.61 34.14 -12.02
C ILE B 405 -15.91 33.31 -12.06
N PHE B 406 -16.35 32.89 -13.25
CA PHE B 406 -17.44 31.89 -13.39
C PHE B 406 -16.86 30.50 -13.69
N CYS B 407 -16.97 29.59 -12.72
CA CYS B 407 -16.57 28.17 -12.83
C CYS B 407 -17.82 27.32 -13.09
N GLN B 408 -17.97 26.80 -14.30
CA GLN B 408 -19.21 26.10 -14.73
C GLN B 408 -19.60 25.01 -13.73
N LEU B 409 -18.66 24.15 -13.34
CA LEU B 409 -19.03 22.92 -12.56
C LEU B 409 -19.24 23.27 -11.09
N MET B 410 -18.71 24.40 -10.62
CA MET B 410 -18.99 24.90 -9.26
C MET B 410 -20.44 25.38 -9.21
N HIS B 411 -20.95 25.90 -10.32
CA HIS B 411 -22.35 26.34 -10.48
C HIS B 411 -23.22 25.09 -10.44
N HIS B 412 -22.94 24.10 -11.30
CA HIS B 412 -23.61 22.78 -11.33
C HIS B 412 -23.61 22.17 -9.93
N LEU B 413 -22.45 22.13 -9.30
CA LEU B 413 -22.27 21.48 -7.99
C LEU B 413 -23.19 22.15 -6.98
N THR B 414 -23.21 23.48 -6.97
CA THR B 414 -24.01 24.29 -6.01
C THR B 414 -25.50 24.11 -6.29
N GLU B 415 -25.91 24.28 -7.55
CA GLU B 415 -27.31 24.07 -8.00
C GLU B 415 -27.77 22.69 -7.52
N ASN B 416 -26.99 21.65 -7.81
CA ASN B 416 -27.33 20.25 -7.45
C ASN B 416 -27.36 20.10 -5.93
N HIS B 417 -26.36 20.62 -5.22
CA HIS B 417 -26.30 20.59 -3.73
C HIS B 417 -27.57 21.19 -3.12
N LYS B 418 -28.13 22.24 -3.73
CA LYS B 418 -29.33 22.97 -3.25
C LYS B 418 -30.57 22.11 -3.48
N ILE B 419 -30.66 21.48 -4.66
CA ILE B 419 -31.84 20.67 -5.09
C ILE B 419 -32.08 19.55 -4.08
N TRP B 420 -30.99 18.96 -3.58
CA TRP B 420 -31.00 17.72 -2.78
C TRP B 420 -31.14 18.06 -1.31
N LYS B 421 -30.50 19.14 -0.86
CA LYS B 421 -30.74 19.75 0.47
C LYS B 421 -32.25 19.95 0.62
N GLU B 422 -32.88 20.43 -0.47
CA GLU B 422 -34.32 20.75 -0.55
C GLU B 422 -35.13 19.45 -0.41
N ASN B 423 -34.83 18.43 -1.24
CA ASN B 423 -35.62 17.17 -1.23
C ASN B 423 -35.51 16.53 0.14
N LEU B 424 -34.35 16.63 0.78
CA LEU B 424 -34.13 16.11 2.15
C LEU B 424 -35.02 16.89 3.15
N TYR B 425 -34.70 18.16 3.43
CA TYR B 425 -35.43 19.02 4.41
C TYR B 425 -36.94 18.77 4.33
N PHE B 426 -37.54 18.72 3.13
CA PHE B 426 -39.03 18.75 2.93
C PHE B 426 -39.59 17.33 2.82
#